data_8TFO
#
_entry.id   8TFO
#
_cell.length_a   45.081
_cell.length_b   80.705
_cell.length_c   207.467
_cell.angle_alpha   90.000
_cell.angle_beta   90.000
_cell.angle_gamma   90.000
#
_symmetry.space_group_name_H-M   'P 21 21 21'
#
loop_
_entity.id
_entity.type
_entity.pdbx_description
1 polymer 'Mevalonate kinase'
2 non-polymer (R)-MEVALONATE
3 non-polymer DI(HYDROXYETHYL)ETHER
4 non-polymer 'CALCIUM ION'
5 water water
#
_entity_poly.entity_id   1
_entity_poly.type   'polypeptide(L)'
_entity_poly.pdbx_seq_one_letter_code
;MHHHHHHGSMSNLRHLRVSAPGKIILHGEHAVVYQKTAVALSLGLRTRLDLTETTDGRISIIMDKFLQHTSWSVEELSKI
IDKVKIDANNPETELDQELVEDLRMMTSGHHYQNGDGPAVGNPQAYSTQSVALVGFLYILVKLCKFSGKQRPPSIQISIS
SDIAISAGLGSSAAFAVCLSASLLSYLGIIVCDRKNCADVDGKLVPSADQLALINHWAFMVEKIVHGSASGVDNAVSTYG
GSIKYRNNELTRIGSGLKLDVLIVDTHVQRDTKKMLDIVRHRRKLYPAITNPVLEAIDGISETSSKILQHGDGLPTGEEY
EVIADLVRMNQNLLSTLGVSHPKLDVICETASRFGQAGKLTGAGGGGCAIVVLDPDMRQFEHLRESIIAEYRRMEFKPHL
AELGGPGVLFHPVPGS
;
_entity_poly.pdbx_strand_id   A,B
#
# COMPACT_ATOMS: atom_id res chain seq x y z
N MET A 10 -42.31 -5.41 1.96
CA MET A 10 -41.51 -4.62 0.98
C MET A 10 -40.25 -5.42 0.63
N SER A 11 -39.07 -4.80 0.76
CA SER A 11 -37.82 -5.31 0.24
C SER A 11 -37.12 -6.22 1.26
N ASN A 12 -36.64 -7.36 0.80
CA ASN A 12 -35.81 -8.20 1.65
C ASN A 12 -34.41 -7.59 1.81
N LEU A 13 -33.87 -6.93 0.78
CA LEU A 13 -32.47 -6.50 0.80
C LEU A 13 -32.41 -4.97 0.72
N ARG A 14 -31.96 -4.36 1.80
CA ARG A 14 -31.74 -2.92 1.84
C ARG A 14 -30.75 -2.52 0.74
N HIS A 15 -30.95 -1.33 0.19
CA HIS A 15 -30.14 -0.83 -0.90
C HIS A 15 -30.06 0.70 -0.80
N LEU A 16 -28.84 1.24 -0.71
CA LEU A 16 -28.57 2.67 -0.63
C LEU A 16 -27.77 3.10 -1.84
N ARG A 17 -27.98 4.34 -2.28
CA ARG A 17 -27.24 4.95 -3.37
C ARG A 17 -26.91 6.38 -2.98
N VAL A 18 -25.62 6.75 -3.11
CA VAL A 18 -25.14 8.08 -2.75
C VAL A 18 -24.21 8.57 -3.86
N SER A 19 -24.09 9.90 -3.96
CA SER A 19 -23.10 10.49 -4.85
C SER A 19 -22.48 11.73 -4.17
N ALA A 20 -21.26 12.05 -4.61
CA ALA A 20 -20.53 13.23 -4.11
C ALA A 20 -19.71 13.85 -5.23
N PRO A 21 -19.64 15.20 -5.30
CA PRO A 21 -18.96 15.87 -6.41
C PRO A 21 -17.45 15.96 -6.23
N GLY A 22 -16.75 16.09 -7.37
CA GLY A 22 -15.37 16.56 -7.42
C GLY A 22 -15.28 18.05 -7.07
N LYS A 23 -14.08 18.62 -7.16
CA LYS A 23 -13.87 19.98 -6.69
C LYS A 23 -12.63 20.61 -7.36
N ILE A 24 -12.64 21.94 -7.38
CA ILE A 24 -11.46 22.75 -7.64
C ILE A 24 -11.24 23.67 -6.45
N ILE A 25 -9.97 24.03 -6.24
CA ILE A 25 -9.63 25.07 -5.29
C ILE A 25 -9.29 26.32 -6.10
N LEU A 26 -10.08 27.38 -5.93
CA LEU A 26 -9.77 28.62 -6.62
C LEU A 26 -8.58 29.30 -5.97
N HIS A 27 -8.54 29.36 -4.62
CA HIS A 27 -7.43 29.96 -3.89
C HIS A 27 -7.13 29.19 -2.61
N GLY A 28 -5.84 29.13 -2.27
CA GLY A 28 -5.46 28.80 -0.90
C GLY A 28 -5.00 27.36 -0.74
N GLU A 29 -4.88 26.59 -1.83
CA GLU A 29 -4.23 25.29 -1.72
C GLU A 29 -2.84 25.49 -1.13
N HIS A 30 -2.39 24.49 -0.36
CA HIS A 30 -1.11 24.42 0.34
C HIS A 30 -1.07 25.35 1.55
N ALA A 31 -1.44 26.62 1.38
CA ALA A 31 -1.54 27.55 2.50
C ALA A 31 -2.56 27.02 3.53
N VAL A 32 -3.63 26.44 3.01
CA VAL A 32 -4.76 26.00 3.83
C VAL A 32 -4.31 24.95 4.83
N VAL A 33 -3.26 24.20 4.48
CA VAL A 33 -2.67 23.21 5.37
C VAL A 33 -2.11 23.87 6.64
N TYR A 34 -1.67 25.13 6.52
CA TYR A 34 -1.09 25.86 7.64
C TYR A 34 -2.02 26.96 8.12
N GLN A 35 -3.29 26.59 8.29
CA GLN A 35 -4.27 27.42 8.98
C GLN A 35 -4.64 28.68 8.19
N LYS A 36 -4.37 28.69 6.87
CA LYS A 36 -4.79 29.81 6.04
C LYS A 36 -6.13 29.51 5.35
N THR A 37 -6.69 30.56 4.74
CA THR A 37 -8.00 30.53 4.11
C THR A 37 -7.92 29.98 2.69
N ALA A 38 -8.92 29.21 2.30
CA ALA A 38 -9.07 28.73 0.94
C ALA A 38 -10.49 28.99 0.45
N VAL A 39 -10.64 29.06 -0.88
CA VAL A 39 -11.91 29.16 -1.57
C VAL A 39 -11.98 27.99 -2.54
N ALA A 40 -13.06 27.18 -2.44
CA ALA A 40 -13.20 25.94 -3.18
C ALA A 40 -14.61 25.84 -3.72
N LEU A 41 -14.74 25.18 -4.89
CA LEU A 41 -16.00 25.03 -5.60
C LEU A 41 -16.18 23.58 -6.01
N SER A 42 -17.43 23.08 -5.94
CA SER A 42 -17.78 21.73 -6.38
C SER A 42 -17.95 21.68 -7.90
N LEU A 43 -17.74 20.48 -8.45
CA LEU A 43 -17.91 20.21 -9.87
C LEU A 43 -19.16 19.39 -10.16
N GLY A 44 -19.45 19.23 -11.46
CA GLY A 44 -20.48 18.35 -11.97
C GLY A 44 -19.98 16.92 -12.09
N LEU A 45 -18.65 16.74 -12.08
CA LEU A 45 -18.05 15.43 -11.99
C LEU A 45 -18.38 14.80 -10.63
N ARG A 46 -18.90 13.55 -10.62
CA ARG A 46 -19.34 12.92 -9.38
C ARG A 46 -18.79 11.51 -9.25
N THR A 47 -18.55 11.10 -7.98
CA THR A 47 -18.36 9.71 -7.58
C THR A 47 -19.71 9.14 -7.10
N ARG A 48 -20.01 7.89 -7.48
CA ARG A 48 -21.30 7.25 -7.24
C ARG A 48 -21.10 5.91 -6.54
N LEU A 49 -21.94 5.65 -5.53
CA LEU A 49 -21.76 4.48 -4.68
C LEU A 49 -23.12 3.81 -4.49
N ASP A 50 -23.13 2.48 -4.68
CA ASP A 50 -24.23 1.62 -4.26
C ASP A 50 -23.76 0.77 -3.09
N LEU A 51 -24.64 0.64 -2.10
CA LEU A 51 -24.44 -0.28 -0.99
C LEU A 51 -25.72 -1.11 -0.84
N THR A 52 -25.59 -2.45 -0.84
CA THR A 52 -26.72 -3.32 -0.57
C THR A 52 -26.37 -4.25 0.59
N GLU A 53 -27.42 -4.65 1.30
CA GLU A 53 -27.40 -5.81 2.18
C GLU A 53 -26.98 -7.08 1.42
N THR A 54 -26.26 -7.96 2.15
CA THR A 54 -25.98 -9.32 1.70
C THR A 54 -26.24 -10.26 2.88
N THR A 55 -26.14 -11.58 2.64
CA THR A 55 -26.46 -12.56 3.68
C THR A 55 -25.37 -13.64 3.74
N ASP A 56 -24.18 -13.33 3.19
CA ASP A 56 -23.09 -14.29 3.10
C ASP A 56 -22.15 -14.12 4.29
N GLY A 57 -22.44 -13.18 5.19
CA GLY A 57 -21.55 -12.89 6.31
C GLY A 57 -20.19 -12.34 5.86
N ARG A 58 -20.21 -11.52 4.81
CA ARG A 58 -19.00 -10.86 4.34
C ARG A 58 -19.29 -9.39 4.07
N ILE A 59 -18.19 -8.60 4.09
CA ILE A 59 -18.16 -7.22 3.65
C ILE A 59 -17.29 -7.16 2.41
N SER A 60 -17.80 -6.53 1.34
CA SER A 60 -17.04 -6.42 0.09
C SER A 60 -17.06 -4.98 -0.45
N ILE A 61 -16.00 -4.64 -1.18
CA ILE A 61 -15.91 -3.38 -1.92
C ILE A 61 -15.34 -3.66 -3.31
N ILE A 62 -15.85 -2.93 -4.31
CA ILE A 62 -15.38 -3.01 -5.67
C ILE A 62 -15.46 -1.60 -6.24
N MET A 63 -14.51 -1.22 -7.10
CA MET A 63 -14.56 0.12 -7.67
C MET A 63 -14.05 0.07 -9.08
N ASP A 64 -14.87 0.59 -10.00
CA ASP A 64 -14.59 0.56 -11.41
C ASP A 64 -13.22 1.19 -11.69
N LYS A 65 -12.37 0.43 -12.41
CA LYS A 65 -11.08 0.87 -12.91
C LYS A 65 -10.09 1.19 -11.79
N PHE A 66 -10.21 0.50 -10.65
CA PHE A 66 -9.40 0.84 -9.49
C PHE A 66 -9.22 -0.36 -8.57
N LEU A 67 -10.32 -1.04 -8.21
CA LEU A 67 -10.28 -2.16 -7.29
C LEU A 67 -11.19 -3.29 -7.79
N GLN A 68 -10.62 -4.49 -7.88
CA GLN A 68 -11.39 -5.71 -8.08
C GLN A 68 -12.18 -6.02 -6.81
N HIS A 69 -13.15 -6.94 -6.93
CA HIS A 69 -13.90 -7.44 -5.79
C HIS A 69 -12.93 -7.79 -4.66
N THR A 70 -13.12 -7.16 -3.49
CA THR A 70 -12.29 -7.42 -2.32
C THR A 70 -13.19 -7.52 -1.11
N SER A 71 -12.99 -8.56 -0.28
CA SER A 71 -13.92 -8.86 0.79
C SER A 71 -13.19 -9.37 2.03
N TRP A 72 -13.93 -9.37 3.15
CA TRP A 72 -13.51 -9.89 4.44
C TRP A 72 -14.73 -10.56 5.06
N SER A 73 -14.52 -11.56 5.94
CA SER A 73 -15.59 -12.16 6.71
C SER A 73 -16.03 -11.19 7.82
N VAL A 74 -17.31 -11.27 8.20
CA VAL A 74 -17.85 -10.54 9.33
C VAL A 74 -17.08 -10.93 10.59
N GLU A 75 -16.63 -12.20 10.64
CA GLU A 75 -15.92 -12.74 11.79
C GLU A 75 -14.60 -12.02 11.96
N GLU A 76 -13.77 -11.98 10.91
CA GLU A 76 -12.45 -11.36 11.00
C GLU A 76 -12.56 -9.89 11.45
N LEU A 77 -13.55 -9.15 10.93
CA LEU A 77 -13.67 -7.72 11.21
C LEU A 77 -14.25 -7.47 12.60
N SER A 78 -15.07 -8.41 13.10
CA SER A 78 -15.56 -8.37 14.48
C SER A 78 -14.39 -8.42 15.46
N LYS A 79 -13.33 -9.18 15.13
CA LYS A 79 -12.17 -9.32 15.99
C LYS A 79 -11.38 -8.00 16.07
N ILE A 80 -11.38 -7.24 14.96
CA ILE A 80 -10.75 -5.93 14.89
C ILE A 80 -11.57 -4.96 15.74
N ILE A 81 -12.88 -4.98 15.55
CA ILE A 81 -13.78 -4.11 16.30
C ILE A 81 -13.62 -4.37 17.79
N ASP A 82 -13.39 -5.62 18.19
CA ASP A 82 -13.24 -5.96 19.60
C ASP A 82 -12.06 -5.22 20.20
N LYS A 83 -10.94 -5.18 19.48
CA LYS A 83 -9.70 -4.58 19.97
C LYS A 83 -9.64 -3.07 19.70
N VAL A 84 -10.64 -2.50 19.05
CA VAL A 84 -10.64 -1.07 18.77
C VAL A 84 -11.17 -0.31 19.99
N LYS A 85 -10.64 0.90 20.21
CA LYS A 85 -11.08 1.79 21.28
C LYS A 85 -11.70 3.05 20.68
N ILE A 86 -12.71 3.62 21.36
CA ILE A 86 -13.19 4.97 21.04
C ILE A 86 -13.15 5.80 22.32
N ASP A 87 -12.81 7.09 22.19
CA ASP A 87 -12.86 8.03 23.30
C ASP A 87 -14.31 8.39 23.56
N ALA A 88 -14.76 8.19 24.80
CA ALA A 88 -16.14 8.45 25.17
C ALA A 88 -16.32 9.91 25.59
N ASN A 89 -15.24 10.69 25.64
CA ASN A 89 -15.27 12.03 26.23
C ASN A 89 -14.84 13.10 25.22
N ASN A 90 -13.88 12.75 24.35
CA ASN A 90 -13.34 13.69 23.38
C ASN A 90 -13.39 13.05 22.00
N PRO A 91 -14.29 13.53 21.09
CA PRO A 91 -14.41 12.97 19.75
C PRO A 91 -13.03 12.94 19.08
N GLU A 92 -12.68 11.79 18.51
CA GLU A 92 -11.41 11.62 17.84
C GLU A 92 -11.33 12.58 16.65
N THR A 93 -10.52 13.63 16.81
CA THR A 93 -10.28 14.62 15.78
C THR A 93 -9.10 14.18 14.92
N GLU A 94 -8.29 13.25 15.43
CA GLU A 94 -7.16 12.73 14.67
C GLU A 94 -7.22 11.21 14.65
N LEU A 95 -6.34 10.62 13.83
CA LEU A 95 -6.33 9.19 13.54
C LEU A 95 -5.77 8.39 14.71
N ASP A 96 -6.41 7.25 14.97
CA ASP A 96 -5.83 6.18 15.75
C ASP A 96 -4.77 5.46 14.93
N GLN A 97 -3.51 5.89 15.11
CA GLN A 97 -2.40 5.47 14.27
C GLN A 97 -2.15 3.95 14.40
N GLU A 98 -2.48 3.35 15.55
CA GLU A 98 -2.24 1.93 15.77
C GLU A 98 -3.19 1.10 14.90
N LEU A 99 -4.47 1.46 14.91
CA LEU A 99 -5.44 0.80 14.03
C LEU A 99 -5.03 0.95 12.57
N VAL A 100 -4.56 2.15 12.19
CA VAL A 100 -4.20 2.41 10.81
C VAL A 100 -3.11 1.44 10.38
N GLU A 101 -2.10 1.24 11.24
CA GLU A 101 -0.97 0.37 10.94
C GLU A 101 -1.43 -1.09 10.88
N ASP A 102 -2.28 -1.48 11.84
CA ASP A 102 -2.87 -2.81 11.87
C ASP A 102 -3.60 -3.06 10.54
N LEU A 103 -4.41 -2.08 10.11
CA LEU A 103 -5.21 -2.23 8.89
C LEU A 103 -4.31 -2.23 7.66
N ARG A 104 -3.26 -1.39 7.66
CA ARG A 104 -2.29 -1.35 6.57
C ARG A 104 -1.62 -2.73 6.42
N MET A 105 -1.26 -3.32 7.56
CA MET A 105 -0.63 -4.64 7.60
C MET A 105 -1.58 -5.68 7.00
N MET A 106 -2.84 -5.60 7.42
CA MET A 106 -3.90 -6.51 7.04
C MET A 106 -4.16 -6.45 5.54
N THR A 107 -3.92 -5.28 4.88
CA THR A 107 -4.28 -5.08 3.48
C THR A 107 -3.07 -5.08 2.55
N SER A 108 -1.84 -5.17 3.08
CA SER A 108 -0.66 -5.12 2.22
C SER A 108 -0.61 -6.25 1.18
N GLY A 109 -1.30 -7.35 1.39
CA GLY A 109 -1.17 -8.48 0.47
C GLY A 109 -1.95 -8.38 -0.85
N HIS A 110 -2.84 -7.39 -1.01
CA HIS A 110 -3.76 -7.30 -2.14
C HIS A 110 -3.02 -7.06 -3.45
N HIS A 111 -3.61 -7.57 -4.56
CA HIS A 111 -3.02 -7.49 -5.89
C HIS A 111 -3.67 -6.35 -6.69
N THR A 128 -3.50 4.65 -5.41
CA THR A 128 -3.48 4.60 -3.92
C THR A 128 -4.55 3.62 -3.43
N GLN A 129 -4.54 2.39 -3.94
CA GLN A 129 -5.64 1.47 -3.65
C GLN A 129 -5.47 0.87 -2.25
N SER A 130 -4.23 0.78 -1.76
CA SER A 130 -3.98 0.25 -0.42
C SER A 130 -4.56 1.20 0.64
N VAL A 131 -4.30 2.50 0.48
CA VAL A 131 -4.79 3.47 1.45
C VAL A 131 -6.31 3.62 1.31
N ALA A 132 -6.89 3.38 0.13
CA ALA A 132 -8.34 3.42 -0.02
C ALA A 132 -9.00 2.31 0.82
N LEU A 133 -8.41 1.11 0.78
CA LEU A 133 -8.91 -0.01 1.57
C LEU A 133 -8.76 0.30 3.07
N VAL A 134 -7.60 0.83 3.46
CA VAL A 134 -7.36 1.13 4.86
C VAL A 134 -8.40 2.15 5.33
N GLY A 135 -8.64 3.16 4.48
CA GLY A 135 -9.57 4.22 4.81
C GLY A 135 -10.99 3.70 5.01
N PHE A 136 -11.41 2.82 4.09
CA PHE A 136 -12.70 2.15 4.20
C PHE A 136 -12.82 1.38 5.51
N LEU A 137 -11.87 0.48 5.77
CA LEU A 137 -11.95 -0.39 6.94
C LEU A 137 -11.90 0.46 8.21
N TYR A 138 -11.11 1.54 8.18
CA TYR A 138 -10.93 2.37 9.36
C TYR A 138 -12.28 2.95 9.80
N ILE A 139 -13.02 3.59 8.89
CA ILE A 139 -14.26 4.22 9.31
C ILE A 139 -15.33 3.16 9.53
N LEU A 140 -15.30 2.06 8.75
CA LEU A 140 -16.23 0.97 9.00
C LEU A 140 -16.10 0.51 10.45
N VAL A 141 -14.88 0.16 10.85
CA VAL A 141 -14.64 -0.40 12.18
C VAL A 141 -14.98 0.66 13.23
N LYS A 142 -14.61 1.91 12.97
CA LYS A 142 -14.79 2.97 13.95
C LYS A 142 -16.26 3.29 14.10
N LEU A 143 -17.00 3.31 12.99
CA LEU A 143 -18.41 3.62 13.03
C LEU A 143 -19.22 2.48 13.70
N CYS A 144 -18.78 1.23 13.53
CA CYS A 144 -19.41 0.11 14.21
C CYS A 144 -19.20 0.25 15.72
N LYS A 145 -17.96 0.54 16.11
CA LYS A 145 -17.62 0.73 17.52
C LYS A 145 -18.46 1.86 18.12
N PHE A 146 -18.54 3.00 17.42
CA PHE A 146 -19.29 4.17 17.84
C PHE A 146 -20.76 3.82 18.06
N SER A 147 -21.30 2.94 17.20
CA SER A 147 -22.73 2.66 17.20
C SER A 147 -23.06 1.47 18.11
N GLY A 148 -22.03 0.86 18.71
CA GLY A 148 -22.21 -0.25 19.62
C GLY A 148 -22.51 -1.58 18.92
N LYS A 149 -22.13 -1.71 17.65
CA LYS A 149 -22.14 -2.99 16.97
C LYS A 149 -20.79 -3.68 17.17
N GLN A 150 -20.82 -4.88 17.74
CA GLN A 150 -19.60 -5.66 17.90
C GLN A 150 -19.30 -6.42 16.61
N ARG A 151 -20.31 -6.56 15.73
CA ARG A 151 -20.13 -7.27 14.47
C ARG A 151 -20.61 -6.36 13.33
N PRO A 152 -19.83 -6.22 12.24
CA PRO A 152 -20.25 -5.41 11.11
C PRO A 152 -21.39 -6.12 10.38
N PRO A 153 -22.31 -5.39 9.70
CA PRO A 153 -23.34 -6.03 8.90
C PRO A 153 -22.74 -6.56 7.61
N SER A 154 -23.35 -7.62 7.08
CA SER A 154 -23.02 -8.20 5.79
C SER A 154 -23.48 -7.28 4.66
N ILE A 155 -22.53 -6.68 3.92
CA ILE A 155 -22.82 -5.70 2.89
C ILE A 155 -21.88 -5.84 1.70
N GLN A 156 -22.32 -5.30 0.56
CA GLN A 156 -21.44 -5.09 -0.58
C GLN A 156 -21.50 -3.61 -0.98
N ILE A 157 -20.35 -3.06 -1.39
CA ILE A 157 -20.22 -1.69 -1.84
C ILE A 157 -19.63 -1.72 -3.25
N SER A 158 -20.27 -0.99 -4.17
CA SER A 158 -19.78 -0.85 -5.53
C SER A 158 -19.67 0.63 -5.88
N ILE A 159 -18.50 1.04 -6.40
CA ILE A 159 -18.23 2.46 -6.65
C ILE A 159 -17.76 2.67 -8.09
N SER A 160 -18.17 3.82 -8.65
CA SER A 160 -17.70 4.30 -9.95
C SER A 160 -17.57 5.83 -9.88
N SER A 161 -16.84 6.44 -10.83
CA SER A 161 -16.60 7.88 -10.77
C SER A 161 -16.39 8.49 -12.16
N ASP A 162 -16.81 9.75 -12.32
CA ASP A 162 -16.42 10.62 -13.43
C ASP A 162 -15.07 11.30 -13.17
N ILE A 163 -14.54 11.22 -11.94
CA ILE A 163 -13.36 11.96 -11.54
C ILE A 163 -12.13 11.08 -11.69
N ALA A 164 -11.17 11.52 -12.50
CA ALA A 164 -9.92 10.79 -12.66
C ALA A 164 -9.05 10.96 -11.41
N ILE A 165 -8.35 9.89 -11.03
CA ILE A 165 -7.57 9.85 -9.80
C ILE A 165 -6.33 10.72 -9.95
N SER A 166 -5.81 10.80 -11.19
CA SER A 166 -4.57 11.49 -11.50
C SER A 166 -4.81 12.97 -11.83
N ALA A 167 -5.96 13.56 -11.47
CA ALA A 167 -6.30 14.89 -11.96
C ALA A 167 -6.26 15.94 -10.86
N GLY A 168 -6.30 15.56 -9.59
CA GLY A 168 -6.37 16.55 -8.52
C GLY A 168 -7.69 17.32 -8.52
N LEU A 169 -8.78 16.60 -8.83
CA LEU A 169 -10.13 17.18 -8.86
C LEU A 169 -11.02 16.55 -7.78
N GLY A 170 -10.42 15.96 -6.73
CA GLY A 170 -11.18 15.56 -5.55
C GLY A 170 -11.68 14.11 -5.60
N SER A 171 -11.01 13.26 -6.38
CA SER A 171 -11.30 11.84 -6.45
C SER A 171 -11.36 11.22 -5.05
N SER A 172 -10.29 11.38 -4.28
CA SER A 172 -10.24 10.72 -2.98
C SER A 172 -11.30 11.32 -2.04
N ALA A 173 -11.52 12.64 -2.09
CA ALA A 173 -12.49 13.27 -1.19
C ALA A 173 -13.90 12.79 -1.49
N ALA A 174 -14.27 12.73 -2.77
CA ALA A 174 -15.62 12.31 -3.15
C ALA A 174 -15.87 10.86 -2.72
N PHE A 175 -14.86 10.00 -2.90
CA PHE A 175 -14.88 8.63 -2.43
C PHE A 175 -15.08 8.57 -0.91
N ALA A 176 -14.34 9.39 -0.17
CA ALA A 176 -14.43 9.46 1.28
C ALA A 176 -15.85 9.87 1.70
N VAL A 177 -16.41 10.85 1.01
CA VAL A 177 -17.72 11.37 1.38
C VAL A 177 -18.82 10.34 1.11
N CYS A 178 -18.71 9.63 -0.02
CA CYS A 178 -19.65 8.58 -0.37
C CYS A 178 -19.62 7.47 0.68
N LEU A 179 -18.42 7.04 1.09
CA LEU A 179 -18.26 6.03 2.13
C LEU A 179 -18.87 6.50 3.44
N SER A 180 -18.52 7.72 3.85
CA SER A 180 -18.99 8.27 5.11
C SER A 180 -20.52 8.32 5.14
N ALA A 181 -21.16 8.91 4.11
CA ALA A 181 -22.61 9.09 4.13
C ALA A 181 -23.32 7.73 4.07
N SER A 182 -22.82 6.82 3.22
CA SER A 182 -23.45 5.54 2.99
C SER A 182 -23.37 4.71 4.28
N LEU A 183 -22.20 4.66 4.92
CA LEU A 183 -22.04 3.92 6.16
C LEU A 183 -22.80 4.55 7.32
N LEU A 184 -22.78 5.88 7.47
CA LEU A 184 -23.47 6.53 8.57
C LEU A 184 -24.96 6.20 8.53
N SER A 185 -25.54 6.22 7.33
CA SER A 185 -26.95 5.93 7.12
C SER A 185 -27.23 4.43 7.33
N TYR A 186 -26.43 3.56 6.72
CA TYR A 186 -26.68 2.14 6.77
C TYR A 186 -26.64 1.65 8.22
N LEU A 187 -25.73 2.20 9.04
CA LEU A 187 -25.58 1.75 10.42
C LEU A 187 -26.54 2.50 11.33
N GLY A 188 -27.38 3.38 10.77
CA GLY A 188 -28.43 4.03 11.53
C GLY A 188 -27.95 5.22 12.37
N ILE A 189 -26.74 5.72 12.10
CA ILE A 189 -26.16 6.79 12.91
C ILE A 189 -26.77 8.11 12.46
N ILE A 190 -27.09 8.21 11.16
CA ILE A 190 -27.96 9.26 10.67
C ILE A 190 -29.19 8.62 10.03
N VAL A 191 -30.32 9.32 10.17
CA VAL A 191 -31.59 8.88 9.59
C VAL A 191 -32.04 9.97 8.64
N CYS A 192 -31.93 9.70 7.34
CA CYS A 192 -32.23 10.69 6.32
C CYS A 192 -33.49 10.25 5.56
N ASP A 193 -34.64 10.77 6.01
CA ASP A 193 -35.96 10.40 5.50
C ASP A 193 -36.45 11.46 4.52
N ARG A 194 -37.55 11.14 3.82
CA ARG A 194 -38.23 12.12 2.96
C ARG A 194 -38.92 13.19 3.81
N LYS A 195 -38.97 13.00 5.14
CA LYS A 195 -39.35 14.05 6.07
C LYS A 195 -38.11 14.78 6.61
N ASN A 196 -37.09 14.03 7.08
CA ASN A 196 -35.93 14.63 7.74
C ASN A 196 -35.08 15.46 6.78
N CYS A 197 -35.00 15.02 5.51
CA CYS A 197 -34.12 15.63 4.52
C CYS A 197 -34.96 16.27 3.42
N ALA A 198 -34.33 17.24 2.74
CA ALA A 198 -34.97 18.04 1.70
C ALA A 198 -34.68 17.43 0.33
N ASP A 199 -35.45 17.83 -0.69
CA ASP A 199 -35.41 17.23 -2.01
C ASP A 199 -34.75 18.18 -3.01
N VAL A 200 -33.78 17.68 -3.80
CA VAL A 200 -33.26 18.36 -4.98
C VAL A 200 -33.37 17.38 -6.16
N ASP A 201 -34.31 17.67 -7.08
CA ASP A 201 -34.49 16.88 -8.29
C ASP A 201 -34.65 15.40 -7.94
N GLY A 202 -35.44 15.08 -6.92
CA GLY A 202 -35.73 13.70 -6.56
C GLY A 202 -34.69 13.08 -5.62
N LYS A 203 -33.58 13.78 -5.38
CA LYS A 203 -32.53 13.29 -4.48
C LYS A 203 -32.70 13.94 -3.11
N LEU A 204 -32.09 13.34 -2.08
CA LEU A 204 -32.16 13.88 -0.72
C LEU A 204 -30.83 14.54 -0.34
N VAL A 205 -30.96 15.74 0.22
CA VAL A 205 -29.88 16.51 0.82
C VAL A 205 -29.91 16.28 2.33
N PRO A 206 -28.84 15.75 2.95
CA PRO A 206 -28.75 15.67 4.41
C PRO A 206 -28.88 17.03 5.11
N SER A 207 -29.36 17.02 6.35
CA SER A 207 -29.44 18.22 7.17
C SER A 207 -28.05 18.73 7.54
N ALA A 208 -28.02 19.97 8.06
CA ALA A 208 -26.79 20.62 8.51
C ALA A 208 -26.00 19.73 9.45
N ASP A 209 -26.66 19.19 10.47
CA ASP A 209 -25.99 18.36 11.47
C ASP A 209 -25.44 17.09 10.81
N GLN A 210 -26.21 16.51 9.89
CA GLN A 210 -25.83 15.32 9.18
C GLN A 210 -24.61 15.61 8.30
N LEU A 211 -24.61 16.78 7.65
CA LEU A 211 -23.50 17.17 6.78
C LEU A 211 -22.19 17.25 7.59
N ALA A 212 -22.25 17.80 8.81
CA ALA A 212 -21.08 17.94 9.64
C ALA A 212 -20.49 16.57 9.98
N LEU A 213 -21.37 15.61 10.30
CA LEU A 213 -20.93 14.29 10.71
C LEU A 213 -20.41 13.52 9.49
N ILE A 214 -21.09 13.67 8.33
CA ILE A 214 -20.58 13.09 7.10
C ILE A 214 -19.18 13.62 6.82
N ASN A 215 -19.02 14.93 6.98
CA ASN A 215 -17.77 15.58 6.66
C ASN A 215 -16.66 15.08 7.60
N HIS A 216 -16.98 14.97 8.89
CA HIS A 216 -15.99 14.55 9.86
C HIS A 216 -15.39 13.18 9.48
N TRP A 217 -16.24 12.18 9.20
CA TRP A 217 -15.73 10.84 8.95
C TRP A 217 -15.04 10.75 7.58
N ALA A 218 -15.52 11.51 6.59
CA ALA A 218 -14.81 11.67 5.33
C ALA A 218 -13.41 12.25 5.55
N PHE A 219 -13.29 13.20 6.48
CA PHE A 219 -12.00 13.81 6.79
C PHE A 219 -11.02 12.74 7.27
N MET A 220 -11.50 11.82 8.11
CA MET A 220 -10.64 10.79 8.67
C MET A 220 -10.07 9.93 7.54
N VAL A 221 -10.91 9.59 6.55
CA VAL A 221 -10.45 8.85 5.39
C VAL A 221 -9.38 9.64 4.64
N GLU A 222 -9.60 10.95 4.47
CA GLU A 222 -8.68 11.80 3.74
C GLU A 222 -7.34 11.87 4.46
N LYS A 223 -7.36 11.89 5.80
CA LYS A 223 -6.13 11.90 6.59
C LYS A 223 -5.30 10.64 6.36
N ILE A 224 -5.94 9.50 6.13
CA ILE A 224 -5.25 8.25 5.85
C ILE A 224 -4.59 8.30 4.46
N VAL A 225 -5.23 9.00 3.52
CA VAL A 225 -4.72 9.12 2.16
C VAL A 225 -3.54 10.10 2.19
N HIS A 226 -3.68 11.23 2.90
CA HIS A 226 -2.62 12.22 3.08
C HIS A 226 -2.74 12.84 4.48
N GLY A 227 -1.75 12.54 5.33
CA GLY A 227 -1.84 12.75 6.77
C GLY A 227 -2.20 14.18 7.16
N SER A 228 -1.64 15.16 6.43
CA SER A 228 -1.84 16.55 6.82
C SER A 228 -2.87 17.24 5.91
N ALA A 229 -3.85 16.51 5.37
CA ALA A 229 -4.96 17.13 4.65
C ALA A 229 -5.58 18.23 5.51
N SER A 230 -5.94 19.34 4.87
CA SER A 230 -6.57 20.48 5.53
C SER A 230 -8.03 20.19 5.85
N GLY A 231 -8.67 19.31 5.06
CA GLY A 231 -10.10 19.07 5.19
C GLY A 231 -10.94 19.94 4.24
N VAL A 232 -10.30 20.81 3.46
CA VAL A 232 -11.04 21.65 2.53
C VAL A 232 -11.73 20.77 1.48
N ASP A 233 -11.04 19.71 1.03
CA ASP A 233 -11.51 18.89 -0.08
C ASP A 233 -12.78 18.11 0.29
N ASN A 234 -12.75 17.44 1.45
CA ASN A 234 -13.90 16.70 1.91
C ASN A 234 -15.02 17.67 2.24
N ALA A 235 -14.68 18.86 2.76
CA ALA A 235 -15.70 19.84 3.10
C ALA A 235 -16.43 20.32 1.84
N VAL A 236 -15.73 20.67 0.78
CA VAL A 236 -16.42 21.16 -0.41
C VAL A 236 -17.21 20.03 -1.08
N SER A 237 -16.70 18.79 -1.05
CA SER A 237 -17.40 17.65 -1.62
C SER A 237 -18.70 17.37 -0.86
N THR A 238 -18.64 17.42 0.49
CA THR A 238 -19.80 17.22 1.34
C THR A 238 -20.85 18.29 1.07
N TYR A 239 -20.45 19.57 1.15
CA TYR A 239 -21.41 20.65 1.22
C TYR A 239 -21.81 21.17 -0.15
N GLY A 240 -20.95 21.01 -1.16
CA GLY A 240 -21.24 21.50 -2.51
C GLY A 240 -21.21 23.03 -2.59
N GLY A 241 -21.39 23.58 -3.80
CA GLY A 241 -21.47 25.01 -3.99
C GLY A 241 -20.08 25.65 -3.90
N SER A 242 -20.02 26.82 -3.23
CA SER A 242 -18.80 27.59 -3.08
C SER A 242 -18.57 27.83 -1.59
N ILE A 243 -17.36 27.54 -1.12
CA ILE A 243 -17.07 27.64 0.30
C ILE A 243 -15.77 28.41 0.51
N LYS A 244 -15.80 29.19 1.59
CA LYS A 244 -14.65 29.79 2.21
C LYS A 244 -14.29 28.94 3.41
N TYR A 245 -13.05 28.46 3.49
CA TYR A 245 -12.68 27.46 4.47
C TYR A 245 -11.39 27.85 5.14
N ARG A 246 -11.32 27.64 6.45
CA ARG A 246 -10.11 27.88 7.22
C ARG A 246 -10.15 27.05 8.48
N ASN A 247 -9.12 26.22 8.69
CA ASN A 247 -8.93 25.46 9.91
C ASN A 247 -10.21 24.71 10.32
N ASN A 248 -10.76 23.94 9.37
CA ASN A 248 -11.92 23.07 9.58
C ASN A 248 -13.14 23.90 10.02
N GLU A 249 -13.22 25.15 9.56
CA GLU A 249 -14.40 25.97 9.75
C GLU A 249 -14.76 26.57 8.39
N LEU A 250 -16.05 26.77 8.18
CA LEU A 250 -16.60 26.82 6.84
C LEU A 250 -17.60 27.95 6.73
N THR A 251 -17.58 28.65 5.59
CA THR A 251 -18.61 29.61 5.25
C THR A 251 -19.06 29.33 3.83
N ARG A 252 -20.38 29.26 3.59
CA ARG A 252 -20.90 29.07 2.25
C ARG A 252 -21.01 30.42 1.58
N ILE A 253 -20.64 30.50 0.29
CA ILE A 253 -20.56 31.78 -0.41
C ILE A 253 -21.08 31.67 -1.84
N GLY A 254 -21.81 30.60 -2.17
CA GLY A 254 -22.27 30.37 -3.53
C GLY A 254 -23.32 31.37 -4.02
N SER A 255 -23.93 32.15 -3.11
CA SER A 255 -24.98 33.10 -3.48
C SER A 255 -24.37 34.40 -4.00
N GLY A 256 -23.52 34.28 -5.03
CA GLY A 256 -22.74 35.42 -5.51
C GLY A 256 -22.31 35.25 -6.97
N LEU A 257 -21.13 35.81 -7.29
CA LEU A 257 -20.67 35.81 -8.68
C LEU A 257 -20.57 34.38 -9.22
N LYS A 258 -20.89 34.22 -10.51
CA LYS A 258 -20.82 32.93 -11.16
C LYS A 258 -19.64 32.94 -12.12
N LEU A 259 -18.63 32.16 -11.78
CA LEU A 259 -17.41 32.09 -12.56
C LEU A 259 -17.57 31.11 -13.70
N ASP A 260 -16.70 31.25 -14.69
CA ASP A 260 -16.57 30.32 -15.79
C ASP A 260 -15.13 29.85 -15.78
N VAL A 261 -14.95 28.54 -15.74
CA VAL A 261 -13.62 27.97 -15.53
C VAL A 261 -13.40 26.83 -16.51
N LEU A 262 -12.25 26.84 -17.16
CA LEU A 262 -11.81 25.72 -17.95
C LEU A 262 -10.74 24.94 -17.18
N ILE A 263 -10.98 23.65 -17.02
CA ILE A 263 -10.02 22.75 -16.41
C ILE A 263 -9.13 22.18 -17.51
N VAL A 264 -7.82 22.10 -17.22
CA VAL A 264 -6.86 21.61 -18.19
C VAL A 264 -5.94 20.65 -17.46
N ASP A 265 -6.02 19.37 -17.89
CA ASP A 265 -5.28 18.30 -17.29
C ASP A 265 -3.95 18.14 -18.02
N THR A 266 -2.86 18.12 -17.25
CA THR A 266 -1.53 17.90 -17.79
C THR A 266 -1.28 16.45 -18.15
N HIS A 267 -2.10 15.54 -17.62
CA HIS A 267 -1.87 14.10 -17.72
C HIS A 267 -0.60 13.71 -16.95
N VAL A 268 -0.10 14.60 -16.10
CA VAL A 268 1.00 14.22 -15.23
C VAL A 268 0.39 13.82 -13.90
N GLN A 269 0.76 12.62 -13.46
CA GLN A 269 0.27 12.08 -12.20
C GLN A 269 1.33 12.38 -11.15
N ARG A 270 0.89 12.74 -9.94
CA ARG A 270 1.80 13.17 -8.90
C ARG A 270 1.18 12.86 -7.55
N ASP A 271 1.98 12.26 -6.67
CA ASP A 271 1.61 11.98 -5.29
C ASP A 271 1.37 13.28 -4.53
N THR A 272 0.20 13.44 -3.92
CA THR A 272 -0.10 14.63 -3.15
C THR A 272 0.89 14.77 -1.98
N LYS A 273 1.29 13.62 -1.44
CA LYS A 273 2.10 13.64 -0.23
C LYS A 273 3.46 14.27 -0.54
N LYS A 274 4.04 13.95 -1.70
CA LYS A 274 5.30 14.56 -2.09
C LYS A 274 5.17 16.09 -2.17
N MET A 275 4.06 16.59 -2.71
CA MET A 275 3.90 18.03 -2.89
C MET A 275 3.81 18.68 -1.51
N LEU A 276 3.03 18.09 -0.62
CA LEU A 276 2.95 18.60 0.75
C LEU A 276 4.33 18.63 1.40
N ASP A 277 5.16 17.61 1.13
CA ASP A 277 6.48 17.49 1.73
C ASP A 277 7.37 18.62 1.23
N ILE A 278 7.25 18.96 -0.05
CA ILE A 278 8.03 20.04 -0.64
C ILE A 278 7.78 21.32 0.15
N VAL A 279 6.51 21.65 0.40
CA VAL A 279 6.18 22.88 1.08
C VAL A 279 6.63 22.82 2.54
N ARG A 280 6.48 21.66 3.17
CA ARG A 280 6.85 21.53 4.58
C ARG A 280 8.34 21.75 4.73
N HIS A 281 9.10 21.24 3.76
CA HIS A 281 10.55 21.39 3.73
C HIS A 281 10.95 22.85 3.49
N ARG A 282 10.34 23.49 2.49
CA ARG A 282 10.72 24.86 2.17
C ARG A 282 10.36 25.80 3.32
N ARG A 283 9.39 25.40 4.11
CA ARG A 283 8.98 26.17 5.26
C ARG A 283 10.04 26.08 6.38
N LYS A 284 10.67 24.91 6.53
CA LYS A 284 11.74 24.75 7.52
C LYS A 284 13.00 25.45 7.03
N LEU A 285 13.28 25.33 5.73
CA LEU A 285 14.49 25.85 5.14
C LEU A 285 14.45 27.37 5.00
N TYR A 286 13.30 27.94 4.61
CA TYR A 286 13.22 29.37 4.38
C TYR A 286 12.03 29.98 5.13
N PRO A 287 12.01 29.95 6.48
CA PRO A 287 10.88 30.47 7.23
C PRO A 287 10.50 31.90 6.85
N ALA A 288 11.50 32.77 6.71
CA ALA A 288 11.27 34.19 6.47
C ALA A 288 10.86 34.48 5.02
N ILE A 289 10.88 33.47 4.14
CA ILE A 289 10.36 33.62 2.78
C ILE A 289 9.02 32.90 2.67
N THR A 290 9.01 31.60 3.00
CA THR A 290 7.88 30.72 2.80
C THR A 290 6.69 31.19 3.64
N ASN A 291 6.89 31.61 4.89
CA ASN A 291 5.76 31.99 5.73
C ASN A 291 5.08 33.25 5.22
N PRO A 292 5.78 34.36 4.92
CA PRO A 292 5.10 35.51 4.30
C PRO A 292 4.39 35.15 3.00
N VAL A 293 4.95 34.22 2.21
CA VAL A 293 4.25 33.80 1.01
C VAL A 293 2.91 33.18 1.37
N LEU A 294 2.87 32.33 2.41
CA LEU A 294 1.62 31.69 2.81
C LEU A 294 0.61 32.75 3.25
N GLU A 295 1.09 33.81 3.93
CA GLU A 295 0.23 34.91 4.36
C GLU A 295 -0.32 35.71 3.18
N ALA A 296 0.50 35.86 2.13
CA ALA A 296 0.05 36.54 0.94
C ALA A 296 -1.08 35.75 0.28
N ILE A 297 -0.94 34.42 0.28
CA ILE A 297 -1.96 33.54 -0.28
C ILE A 297 -3.26 33.71 0.52
N ASP A 298 -3.13 33.71 1.85
CA ASP A 298 -4.24 33.94 2.76
C ASP A 298 -4.98 35.22 2.38
N GLY A 299 -4.23 36.29 2.12
CA GLY A 299 -4.83 37.57 1.74
C GLY A 299 -5.57 37.49 0.40
N ILE A 300 -5.01 36.71 -0.55
CA ILE A 300 -5.67 36.51 -1.83
C ILE A 300 -7.03 35.85 -1.61
N SER A 301 -7.04 34.80 -0.77
CA SER A 301 -8.25 34.03 -0.48
C SER A 301 -9.30 34.92 0.16
N GLU A 302 -8.91 35.77 1.13
CA GLU A 302 -9.84 36.68 1.76
C GLU A 302 -10.45 37.64 0.75
N THR A 303 -9.60 38.26 -0.08
CA THR A 303 -10.07 39.23 -1.05
C THR A 303 -11.04 38.57 -2.03
N SER A 304 -10.66 37.39 -2.53
CA SER A 304 -11.50 36.64 -3.44
C SER A 304 -12.87 36.37 -2.80
N SER A 305 -12.85 35.86 -1.56
CA SER A 305 -14.07 35.45 -0.90
C SER A 305 -15.04 36.63 -0.81
N LYS A 306 -14.53 37.85 -0.61
CA LYS A 306 -15.39 39.01 -0.52
C LYS A 306 -15.95 39.40 -1.88
N ILE A 307 -15.13 39.32 -2.93
CA ILE A 307 -15.57 39.64 -4.28
C ILE A 307 -16.70 38.69 -4.71
N LEU A 308 -16.50 37.39 -4.50
CA LEU A 308 -17.47 36.38 -4.90
C LEU A 308 -18.77 36.52 -4.11
N GLN A 309 -18.65 36.80 -2.82
CA GLN A 309 -19.79 36.82 -1.90
C GLN A 309 -20.74 37.98 -2.23
N HIS A 310 -20.19 39.17 -2.46
CA HIS A 310 -20.98 40.40 -2.51
C HIS A 310 -21.45 40.71 -3.93
N GLY A 311 -20.87 40.03 -4.92
CA GLY A 311 -21.31 40.19 -6.28
C GLY A 311 -22.51 39.29 -6.55
N ASP A 312 -23.10 39.47 -7.74
CA ASP A 312 -24.19 38.62 -8.18
C ASP A 312 -24.16 38.61 -9.71
N GLY A 313 -24.47 37.45 -10.29
CA GLY A 313 -24.48 37.28 -11.72
C GLY A 313 -23.10 37.00 -12.29
N LEU A 314 -22.99 37.20 -13.60
CA LEU A 314 -21.73 37.05 -14.29
C LEU A 314 -20.84 38.24 -13.94
N PRO A 315 -19.52 38.05 -13.81
CA PRO A 315 -18.61 39.18 -13.54
C PRO A 315 -18.65 40.17 -14.71
N THR A 316 -18.68 41.47 -14.36
CA THR A 316 -18.32 42.53 -15.29
C THR A 316 -16.86 42.40 -15.70
N GLY A 317 -16.47 43.15 -16.75
CA GLY A 317 -15.09 43.29 -17.17
C GLY A 317 -14.17 43.69 -16.01
N GLU A 318 -14.63 44.66 -15.19
CA GLU A 318 -13.88 45.17 -14.06
C GLU A 318 -13.64 44.06 -13.03
N GLU A 319 -14.72 43.38 -12.63
CA GLU A 319 -14.65 42.34 -11.62
C GLU A 319 -13.76 41.18 -12.10
N TYR A 320 -13.88 40.84 -13.38
CA TYR A 320 -13.10 39.77 -13.96
C TYR A 320 -11.61 40.10 -13.87
N GLU A 321 -11.23 41.36 -14.12
N GLU A 321 -11.23 41.36 -14.11
CA GLU A 321 -9.83 41.77 -14.11
CA GLU A 321 -9.82 41.73 -14.12
C GLU A 321 -9.23 41.62 -12.71
C GLU A 321 -9.23 41.63 -12.71
N VAL A 322 -9.99 41.96 -11.68
CA VAL A 322 -9.54 41.71 -10.31
C VAL A 322 -9.37 40.21 -10.08
N ILE A 323 -10.39 39.44 -10.44
CA ILE A 323 -10.39 38.00 -10.26
C ILE A 323 -9.19 37.39 -10.99
N ALA A 324 -8.91 37.83 -12.23
CA ALA A 324 -7.80 37.31 -13.01
C ALA A 324 -6.47 37.65 -12.33
N ASP A 325 -6.37 38.88 -11.79
CA ASP A 325 -5.18 39.34 -11.10
C ASP A 325 -4.95 38.48 -9.85
N LEU A 326 -6.01 38.17 -9.09
CA LEU A 326 -5.89 37.31 -7.93
C LEU A 326 -5.36 35.92 -8.31
N VAL A 327 -5.86 35.40 -9.44
CA VAL A 327 -5.44 34.09 -9.93
C VAL A 327 -3.96 34.11 -10.29
N ARG A 328 -3.50 35.13 -11.04
CA ARG A 328 -2.10 35.18 -11.48
C ARG A 328 -1.19 35.35 -10.28
N MET A 329 -1.59 36.21 -9.34
CA MET A 329 -0.79 36.38 -8.14
C MET A 329 -0.67 35.04 -7.43
N ASN A 330 -1.76 34.28 -7.33
CA ASN A 330 -1.73 33.03 -6.59
C ASN A 330 -0.84 32.01 -7.29
N GLN A 331 -0.90 31.95 -8.62
CA GLN A 331 -0.05 31.01 -9.35
C GLN A 331 1.42 31.36 -9.11
N ASN A 332 1.75 32.66 -9.17
CA ASN A 332 3.11 33.11 -8.86
C ASN A 332 3.55 32.64 -7.47
N LEU A 333 2.67 32.78 -6.48
CA LEU A 333 3.00 32.44 -5.10
C LEU A 333 3.14 30.93 -4.97
N LEU A 334 2.34 30.16 -5.71
CA LEU A 334 2.41 28.71 -5.66
C LEU A 334 3.71 28.24 -6.29
N SER A 335 4.07 28.89 -7.40
CA SER A 335 5.34 28.61 -8.06
C SER A 335 6.53 28.88 -7.12
N THR A 336 6.43 29.93 -6.30
CA THR A 336 7.40 30.25 -5.25
C THR A 336 7.55 29.13 -4.22
N LEU A 337 6.44 28.42 -3.91
CA LEU A 337 6.47 27.32 -2.97
C LEU A 337 7.01 26.05 -3.60
N GLY A 338 7.32 26.09 -4.91
CA GLY A 338 7.94 24.98 -5.62
C GLY A 338 6.96 23.86 -5.99
N VAL A 339 5.66 24.16 -6.10
CA VAL A 339 4.67 23.11 -6.32
C VAL A 339 4.08 23.19 -7.72
N SER A 340 4.68 23.93 -8.64
CA SER A 340 4.23 23.95 -10.03
C SER A 340 4.93 22.86 -10.84
N HIS A 341 4.90 22.99 -12.17
CA HIS A 341 5.39 21.96 -13.06
C HIS A 341 5.48 22.61 -14.44
N PRO A 342 6.53 22.31 -15.23
CA PRO A 342 6.65 22.86 -16.58
C PRO A 342 5.35 22.90 -17.37
N LYS A 343 4.57 21.82 -17.29
CA LYS A 343 3.36 21.72 -18.09
C LYS A 343 2.26 22.61 -17.49
N LEU A 344 2.21 22.73 -16.15
CA LEU A 344 1.31 23.70 -15.52
C LEU A 344 1.69 25.11 -15.94
N ASP A 345 3.00 25.38 -15.97
CA ASP A 345 3.49 26.69 -16.36
C ASP A 345 3.04 26.99 -17.79
N VAL A 346 3.28 26.06 -18.73
CA VAL A 346 2.89 26.27 -20.13
C VAL A 346 1.40 26.59 -20.19
N ILE A 347 0.57 25.86 -19.43
CA ILE A 347 -0.88 26.08 -19.47
C ILE A 347 -1.21 27.51 -19.04
N CYS A 348 -0.62 27.97 -17.94
CA CYS A 348 -0.91 29.31 -17.40
C CYS A 348 -0.38 30.41 -18.33
N GLU A 349 0.79 30.17 -18.93
CA GLU A 349 1.42 31.09 -19.88
C GLU A 349 0.52 31.23 -21.11
N THR A 350 0.04 30.09 -21.62
CA THR A 350 -0.95 30.05 -22.70
C THR A 350 -2.22 30.81 -22.28
N ALA A 351 -2.70 30.57 -21.06
CA ALA A 351 -3.89 31.27 -20.60
C ALA A 351 -3.70 32.78 -20.76
N SER A 352 -2.52 33.26 -20.36
CA SER A 352 -2.19 34.68 -20.41
C SER A 352 -2.17 35.20 -21.85
N ARG A 353 -1.55 34.45 -22.77
CA ARG A 353 -1.53 34.85 -24.17
C ARG A 353 -2.95 35.02 -24.73
N PHE A 354 -3.94 34.30 -24.18
CA PHE A 354 -5.31 34.39 -24.65
C PHE A 354 -6.08 35.43 -23.86
N GLY A 355 -5.41 36.15 -22.96
CA GLY A 355 -6.05 37.18 -22.15
C GLY A 355 -6.74 36.63 -20.91
N GLN A 356 -6.47 35.35 -20.59
CA GLN A 356 -7.15 34.65 -19.51
C GLN A 356 -6.20 34.58 -18.32
N ALA A 357 -6.62 33.88 -17.25
CA ALA A 357 -5.80 33.75 -16.07
C ALA A 357 -5.82 32.30 -15.59
N GLY A 358 -4.64 31.68 -15.55
CA GLY A 358 -4.50 30.31 -15.15
C GLY A 358 -3.73 30.13 -13.85
N LYS A 359 -4.08 29.07 -13.11
CA LYS A 359 -3.28 28.61 -11.99
C LYS A 359 -3.46 27.09 -11.85
N LEU A 360 -2.49 26.41 -11.24
CA LEU A 360 -2.72 25.05 -10.80
C LEU A 360 -3.84 25.08 -9.77
N THR A 361 -4.51 23.92 -9.59
CA THR A 361 -5.45 23.75 -8.49
C THR A 361 -5.05 22.47 -7.73
N GLY A 362 -5.07 22.53 -6.40
CA GLY A 362 -4.75 21.36 -5.60
C GLY A 362 -3.26 21.25 -5.32
N ALA A 363 -2.74 20.03 -5.40
CA ALA A 363 -1.41 19.68 -4.91
C ALA A 363 -0.32 20.25 -5.82
N GLY A 364 -0.62 20.37 -7.11
CA GLY A 364 0.33 20.79 -8.11
C GLY A 364 1.30 19.67 -8.50
N GLY A 365 2.41 20.05 -9.11
CA GLY A 365 3.45 19.09 -9.50
C GLY A 365 2.98 18.16 -10.62
N GLY A 366 1.95 18.59 -11.34
CA GLY A 366 1.17 17.71 -12.19
C GLY A 366 -0.31 18.09 -12.08
N GLY A 367 -1.19 17.15 -12.43
CA GLY A 367 -2.62 17.34 -12.23
C GLY A 367 -3.20 18.40 -13.16
N CYS A 368 -4.15 19.18 -12.63
CA CYS A 368 -4.89 20.11 -13.45
C CYS A 368 -4.58 21.53 -13.07
N ALA A 369 -4.69 22.38 -14.11
CA ALA A 369 -4.82 23.82 -13.93
C ALA A 369 -6.28 24.20 -14.15
N ILE A 370 -6.61 25.40 -13.67
CA ILE A 370 -7.90 26.02 -13.93
C ILE A 370 -7.59 27.35 -14.62
N VAL A 371 -8.41 27.68 -15.62
CA VAL A 371 -8.31 28.91 -16.38
C VAL A 371 -9.64 29.64 -16.23
N VAL A 372 -9.63 30.76 -15.51
CA VAL A 372 -10.84 31.52 -15.27
C VAL A 372 -11.08 32.36 -16.53
N LEU A 373 -12.31 32.29 -17.08
CA LEU A 373 -12.61 32.84 -18.41
C LEU A 373 -13.26 34.21 -18.30
N ASP A 374 -12.79 35.14 -19.15
CA ASP A 374 -13.31 36.50 -19.21
C ASP A 374 -14.73 36.51 -19.80
N PRO A 375 -15.49 37.63 -19.71
CA PRO A 375 -16.90 37.64 -20.13
C PRO A 375 -17.14 37.30 -21.60
N ASP A 376 -16.18 37.63 -22.49
CA ASP A 376 -16.30 37.33 -23.90
C ASP A 376 -16.14 35.84 -24.15
N MET A 377 -15.06 35.30 -23.57
CA MET A 377 -14.69 33.90 -23.76
C MET A 377 -15.88 33.04 -23.35
N ARG A 378 -16.68 33.59 -22.43
CA ARG A 378 -17.86 32.91 -21.92
C ARG A 378 -19.03 33.05 -22.89
N GLN A 379 -19.23 34.20 -23.53
CA GLN A 379 -20.39 34.33 -24.41
C GLN A 379 -20.17 33.66 -25.77
N PHE A 380 -18.93 33.68 -26.27
CA PHE A 380 -18.67 33.38 -27.67
C PHE A 380 -17.93 32.07 -27.82
N GLU A 381 -18.53 31.14 -28.57
CA GLU A 381 -18.06 29.77 -28.63
C GLU A 381 -16.68 29.69 -29.29
N HIS A 382 -16.50 30.49 -30.35
CA HIS A 382 -15.29 30.47 -31.16
C HIS A 382 -14.06 30.86 -30.33
N LEU A 383 -14.21 31.77 -29.38
CA LEU A 383 -13.11 32.13 -28.49
C LEU A 383 -12.72 30.92 -27.62
N ARG A 384 -13.76 30.34 -27.04
CA ARG A 384 -13.63 29.19 -26.16
C ARG A 384 -12.99 28.06 -26.95
N GLU A 385 -13.45 27.87 -28.20
CA GLU A 385 -12.99 26.75 -29.00
C GLU A 385 -11.52 26.94 -29.39
N SER A 386 -11.08 28.19 -29.59
CA SER A 386 -9.68 28.45 -29.93
C SER A 386 -8.76 27.96 -28.81
N ILE A 387 -9.08 28.37 -27.57
CA ILE A 387 -8.20 28.09 -26.44
C ILE A 387 -8.20 26.58 -26.23
N ILE A 388 -9.38 25.98 -26.34
CA ILE A 388 -9.55 24.55 -26.18
C ILE A 388 -8.68 23.80 -27.19
N ALA A 389 -8.75 24.21 -28.46
CA ALA A 389 -8.00 23.55 -29.53
C ALA A 389 -6.50 23.69 -29.31
N GLU A 390 -6.06 24.82 -28.74
CA GLU A 390 -4.66 25.04 -28.42
C GLU A 390 -4.19 24.04 -27.35
N TYR A 391 -5.00 23.87 -26.29
CA TYR A 391 -4.62 22.95 -25.23
C TYR A 391 -4.60 21.53 -25.77
N ARG A 392 -5.52 21.22 -26.69
CA ARG A 392 -5.50 19.90 -27.32
C ARG A 392 -4.26 19.76 -28.19
N ARG A 393 -3.89 20.81 -28.94
CA ARG A 393 -2.71 20.74 -29.78
C ARG A 393 -1.48 20.46 -28.92
N MET A 394 -1.47 20.94 -27.67
CA MET A 394 -0.34 20.72 -26.78
C MET A 394 -0.49 19.41 -26.01
N GLU A 395 -1.55 18.63 -26.31
CA GLU A 395 -1.75 17.29 -25.76
C GLU A 395 -2.14 17.34 -24.27
N PHE A 396 -2.90 18.38 -23.91
CA PHE A 396 -3.56 18.46 -22.61
C PHE A 396 -5.04 18.22 -22.85
N LYS A 397 -5.77 17.78 -21.82
CA LYS A 397 -7.21 17.61 -21.98
C LYS A 397 -7.93 18.81 -21.40
N PRO A 398 -8.57 19.69 -22.20
CA PRO A 398 -9.44 20.72 -21.64
C PRO A 398 -10.80 20.13 -21.26
N HIS A 399 -11.46 20.73 -20.25
CA HIS A 399 -12.78 20.32 -19.81
C HIS A 399 -13.45 21.52 -19.14
N LEU A 400 -14.58 21.96 -19.70
CA LEU A 400 -15.30 23.09 -19.18
C LEU A 400 -16.01 22.70 -17.89
N ALA A 401 -15.72 23.40 -16.79
CA ALA A 401 -16.26 23.01 -15.49
C ALA A 401 -17.72 23.40 -15.38
N GLU A 402 -18.50 22.58 -14.67
CA GLU A 402 -19.79 22.95 -14.15
C GLU A 402 -19.63 23.27 -12.68
N LEU A 403 -20.07 24.46 -12.24
CA LEU A 403 -19.79 24.93 -10.89
C LEU A 403 -21.09 25.20 -10.13
N GLY A 404 -21.01 25.14 -8.79
CA GLY A 404 -22.11 25.55 -7.92
C GLY A 404 -23.13 24.43 -7.68
N GLY A 405 -22.84 23.21 -8.15
CA GLY A 405 -23.77 22.11 -8.02
C GLY A 405 -23.92 21.63 -6.58
N PRO A 406 -24.73 20.60 -6.31
CA PRO A 406 -24.91 20.13 -4.93
C PRO A 406 -23.75 19.28 -4.41
N GLY A 407 -23.69 19.16 -3.08
CA GLY A 407 -22.74 18.31 -2.41
C GLY A 407 -23.21 16.86 -2.40
N VAL A 408 -22.97 16.15 -1.29
CA VAL A 408 -23.36 14.76 -1.17
C VAL A 408 -24.88 14.64 -1.26
N LEU A 409 -25.34 13.62 -1.99
CA LEU A 409 -26.76 13.35 -2.17
C LEU A 409 -27.04 11.87 -1.94
N PHE A 410 -28.24 11.59 -1.39
CA PHE A 410 -28.84 10.27 -1.40
C PHE A 410 -29.84 10.19 -2.55
N HIS A 411 -29.84 9.04 -3.23
CA HIS A 411 -30.67 8.82 -4.40
C HIS A 411 -31.66 7.68 -4.12
N PRO A 412 -32.87 7.69 -4.75
CA PRO A 412 -33.75 6.51 -4.73
C PRO A 412 -33.26 5.48 -5.74
N VAL A 413 -33.47 4.18 -5.44
CA VAL A 413 -32.95 3.09 -6.26
C VAL A 413 -34.11 2.37 -6.96
N PRO A 414 -34.42 2.62 -8.27
CA PRO A 414 -35.49 1.89 -8.95
C PRO A 414 -35.20 0.38 -8.95
N GLY A 415 -36.21 -0.41 -8.55
CA GLY A 415 -36.10 -1.85 -8.42
C GLY A 415 -35.39 -2.26 -7.14
N MET B 10 -15.37 -40.69 12.61
CA MET B 10 -15.39 -41.23 11.22
C MET B 10 -13.99 -41.66 10.76
N SER B 11 -13.99 -42.39 9.64
CA SER B 11 -12.82 -43.02 9.06
C SER B 11 -11.85 -41.98 8.49
N ASN B 12 -12.38 -40.81 8.13
CA ASN B 12 -11.62 -39.82 7.40
C ASN B 12 -10.52 -39.26 8.30
N LEU B 13 -9.31 -39.29 7.75
CA LEU B 13 -8.17 -38.62 8.34
C LEU B 13 -7.89 -37.33 7.56
N ARG B 14 -8.02 -36.20 8.25
CA ARG B 14 -7.72 -34.90 7.67
C ARG B 14 -6.31 -34.89 7.10
N HIS B 15 -6.14 -34.21 5.97
CA HIS B 15 -4.86 -34.11 5.29
C HIS B 15 -4.80 -32.73 4.65
N LEU B 16 -3.76 -31.95 4.98
CA LEU B 16 -3.58 -30.66 4.33
C LEU B 16 -2.19 -30.64 3.72
N ARG B 17 -2.08 -29.88 2.63
CA ARG B 17 -0.85 -29.75 1.87
C ARG B 17 -0.62 -28.26 1.61
N VAL B 18 0.60 -27.78 1.91
CA VAL B 18 0.99 -26.40 1.67
C VAL B 18 2.34 -26.38 0.98
N SER B 19 2.60 -25.30 0.24
CA SER B 19 3.92 -25.05 -0.30
C SER B 19 4.25 -23.56 -0.17
N ALA B 20 5.55 -23.25 -0.15
CA ALA B 20 6.05 -21.89 -0.07
C ALA B 20 7.34 -21.77 -0.89
N PRO B 21 7.52 -20.65 -1.62
CA PRO B 21 8.64 -20.52 -2.55
C PRO B 21 9.93 -20.08 -1.89
N GLY B 22 11.04 -20.38 -2.57
CA GLY B 22 12.34 -19.77 -2.30
C GLY B 22 12.36 -18.31 -2.75
N LYS B 23 13.52 -17.67 -2.59
CA LYS B 23 13.60 -16.24 -2.87
C LYS B 23 15.02 -15.81 -3.20
N ILE B 24 15.06 -14.69 -3.92
CA ILE B 24 16.27 -13.91 -4.11
C ILE B 24 16.01 -12.49 -3.62
N ILE B 25 17.10 -11.86 -3.18
CA ILE B 25 17.09 -10.45 -2.86
C ILE B 25 17.78 -9.70 -4.00
N LEU B 26 17.03 -8.86 -4.71
CA LEU B 26 17.63 -8.06 -5.76
C LEU B 26 18.47 -6.95 -5.15
N HIS B 27 17.93 -6.25 -4.14
CA HIS B 27 18.65 -5.18 -3.45
C HIS B 27 18.35 -5.18 -1.95
N GLY B 28 19.37 -4.84 -1.16
CA GLY B 28 19.12 -4.40 0.20
C GLY B 28 19.42 -5.47 1.25
N GLU B 29 20.01 -6.61 0.83
CA GLU B 29 20.46 -7.53 1.86
C GLU B 29 21.44 -6.82 2.78
N HIS B 30 21.42 -7.21 4.06
CA HIS B 30 22.28 -6.70 5.13
C HIS B 30 21.82 -5.31 5.58
N ALA B 31 21.63 -4.40 4.64
CA ALA B 31 21.11 -3.09 4.96
C ALA B 31 19.73 -3.20 5.61
N VAL B 32 18.94 -4.14 5.12
CA VAL B 32 17.55 -4.29 5.55
C VAL B 32 17.49 -4.61 7.05
N VAL B 33 18.55 -5.20 7.58
CA VAL B 33 18.69 -5.51 8.99
C VAL B 33 18.73 -4.22 9.80
N TYR B 34 19.23 -3.14 9.21
CA TYR B 34 19.34 -1.84 9.85
C TYR B 34 18.29 -0.88 9.30
N GLN B 35 17.07 -1.37 9.14
CA GLN B 35 15.88 -0.56 8.91
C GLN B 35 15.90 0.08 7.52
N LYS B 36 16.68 -0.50 6.60
CA LYS B 36 16.72 -0.03 5.24
C LYS B 36 15.78 -0.84 4.35
N THR B 37 15.62 -0.36 3.11
CA THR B 37 14.72 -0.92 2.12
C THR B 37 15.40 -2.08 1.38
N ALA B 38 14.63 -3.13 1.10
CA ALA B 38 15.06 -4.22 0.26
C ALA B 38 14.02 -4.49 -0.82
N VAL B 39 14.48 -5.09 -1.92
CA VAL B 39 13.64 -5.55 -3.02
C VAL B 39 13.90 -7.04 -3.17
N ALA B 40 12.83 -7.86 -3.08
CA ALA B 40 12.96 -9.32 -3.09
C ALA B 40 11.92 -9.91 -4.04
N LEU B 41 12.26 -11.08 -4.61
CA LEU B 41 11.43 -11.80 -5.55
C LEU B 41 11.35 -13.27 -5.14
N SER B 42 10.16 -13.87 -5.29
CA SER B 42 9.93 -15.29 -5.04
C SER B 42 10.37 -16.12 -6.26
N LEU B 43 10.73 -17.38 -6.00
CA LEU B 43 11.14 -18.34 -7.01
C LEU B 43 10.07 -19.40 -7.24
N GLY B 44 10.28 -20.20 -8.30
CA GLY B 44 9.51 -21.41 -8.59
C GLY B 44 9.99 -22.59 -7.74
N LEU B 45 11.20 -22.52 -7.18
CA LEU B 45 11.66 -23.50 -6.21
C LEU B 45 10.77 -23.43 -4.95
N ARG B 46 10.25 -24.58 -4.49
CA ARG B 46 9.32 -24.59 -3.35
C ARG B 46 9.72 -25.61 -2.30
N THR B 47 9.40 -25.27 -1.03
CA THR B 47 9.28 -26.21 0.06
C THR B 47 7.82 -26.70 0.16
N ARG B 48 7.63 -28.01 0.41
CA ARG B 48 6.34 -28.67 0.36
C ARG B 48 6.09 -29.46 1.63
N LEU B 49 4.90 -29.27 2.22
CA LEU B 49 4.58 -29.83 3.52
C LEU B 49 3.23 -30.53 3.44
N ASP B 50 3.22 -31.75 3.99
CA ASP B 50 2.01 -32.52 4.25
C ASP B 50 1.81 -32.56 5.75
N LEU B 51 0.55 -32.31 6.14
CA LEU B 51 0.12 -32.49 7.51
C LEU B 51 -1.13 -33.37 7.50
N THR B 52 -1.07 -34.49 8.22
CA THR B 52 -2.25 -35.33 8.37
C THR B 52 -2.56 -35.53 9.84
N GLU B 53 -3.84 -35.70 10.12
CA GLU B 53 -4.34 -36.32 11.33
C GLU B 53 -3.67 -37.66 11.61
N THR B 54 -3.44 -37.91 12.90
CA THR B 54 -3.08 -39.23 13.41
C THR B 54 -3.96 -39.50 14.62
N THR B 55 -3.87 -40.71 15.20
CA THR B 55 -4.73 -41.11 16.30
C THR B 55 -3.89 -41.73 17.42
N ASP B 56 -2.56 -41.49 17.41
CA ASP B 56 -1.64 -42.11 18.36
C ASP B 56 -1.40 -41.19 19.56
N GLY B 57 -2.04 -40.02 19.59
CA GLY B 57 -1.78 -39.03 20.62
C GLY B 57 -0.35 -38.50 20.61
N ARG B 58 0.21 -38.32 19.42
CA ARG B 58 1.55 -37.74 19.28
C ARG B 58 1.55 -36.67 18.18
N ILE B 59 2.53 -35.77 18.27
CA ILE B 59 2.88 -34.81 17.24
C ILE B 59 4.26 -35.18 16.71
N SER B 60 4.41 -35.28 15.39
CA SER B 60 5.69 -35.64 14.79
C SER B 60 6.02 -34.73 13.60
N ILE B 61 7.33 -34.56 13.37
CA ILE B 61 7.85 -33.81 12.23
C ILE B 61 9.02 -34.57 11.61
N ILE B 62 9.11 -34.54 10.29
CA ILE B 62 10.20 -35.14 9.54
C ILE B 62 10.46 -34.24 8.34
N MET B 63 11.73 -34.11 7.92
CA MET B 63 12.03 -33.36 6.72
C MET B 63 13.17 -34.02 5.96
N ASP B 64 12.92 -34.29 4.68
CA ASP B 64 13.90 -34.89 3.79
C ASP B 64 15.24 -34.15 3.87
N LYS B 65 16.31 -34.92 4.13
CA LYS B 65 17.70 -34.47 4.13
C LYS B 65 17.98 -33.41 5.20
N PHE B 66 17.27 -33.44 6.31
CA PHE B 66 17.44 -32.41 7.33
C PHE B 66 17.04 -32.92 8.71
N LEU B 67 15.84 -33.51 8.83
CA LEU B 67 15.30 -33.95 10.11
C LEU B 67 14.79 -35.39 10.00
N GLN B 68 15.31 -36.25 10.88
CA GLN B 68 14.74 -37.57 11.09
C GLN B 68 13.41 -37.44 11.82
N HIS B 69 12.62 -38.53 11.80
CA HIS B 69 11.36 -38.57 12.52
C HIS B 69 11.58 -38.13 13.96
N THR B 70 10.86 -37.09 14.39
CA THR B 70 10.96 -36.57 15.74
C THR B 70 9.56 -36.29 16.24
N SER B 71 9.25 -36.77 17.46
CA SER B 71 7.88 -36.72 17.97
C SER B 71 7.86 -36.42 19.47
N TRP B 72 6.69 -36.00 19.93
CA TRP B 72 6.39 -35.76 21.32
C TRP B 72 4.97 -36.24 21.54
N SER B 73 4.66 -36.63 22.79
CA SER B 73 3.31 -37.00 23.18
C SER B 73 2.48 -35.74 23.30
N VAL B 74 1.16 -35.88 23.07
CA VAL B 74 0.21 -34.80 23.30
C VAL B 74 0.30 -34.33 24.75
N GLU B 75 0.61 -35.28 25.64
CA GLU B 75 0.70 -35.02 27.07
C GLU B 75 1.86 -34.08 27.37
N GLU B 76 3.08 -34.45 26.92
CA GLU B 76 4.26 -33.61 27.08
C GLU B 76 4.00 -32.14 26.73
N LEU B 77 3.37 -31.94 25.57
CA LEU B 77 3.24 -30.60 24.98
C LEU B 77 2.13 -29.82 25.68
N SER B 78 1.11 -30.54 26.16
CA SER B 78 0.07 -29.94 26.98
C SER B 78 0.65 -29.31 28.26
N LYS B 79 1.70 -29.94 28.82
CA LYS B 79 2.36 -29.46 30.04
C LYS B 79 3.08 -28.13 29.77
N ILE B 80 3.63 -27.98 28.57
CA ILE B 80 4.31 -26.75 28.15
C ILE B 80 3.25 -25.66 27.95
N ILE B 81 2.18 -26.02 27.24
CA ILE B 81 1.10 -25.08 26.98
C ILE B 81 0.52 -24.55 28.28
N ASP B 82 0.49 -25.38 29.34
CA ASP B 82 -0.02 -24.96 30.64
C ASP B 82 0.70 -23.70 31.14
N LYS B 83 2.02 -23.72 31.05
CA LYS B 83 2.86 -22.67 31.61
C LYS B 83 3.18 -21.58 30.58
N VAL B 84 2.35 -21.44 29.54
CA VAL B 84 2.58 -20.43 28.52
C VAL B 84 1.51 -19.34 28.67
N LYS B 85 1.93 -18.06 28.63
CA LYS B 85 0.99 -16.94 28.72
C LYS B 85 0.93 -16.23 27.37
N ILE B 86 -0.27 -16.07 26.80
CA ILE B 86 -0.43 -15.45 25.50
C ILE B 86 -0.18 -13.94 25.60
N ASP B 87 -0.16 -13.42 26.84
CA ASP B 87 0.08 -12.00 27.09
C ASP B 87 -0.77 -11.17 26.12
N ALA B 88 -2.07 -11.51 26.01
CA ALA B 88 -2.97 -10.86 25.07
C ALA B 88 -2.83 -9.34 25.16
N ASN B 89 -2.74 -8.81 26.40
CA ASN B 89 -2.55 -7.39 26.64
C ASN B 89 -1.49 -6.81 25.69
N ASN B 90 -0.39 -7.55 25.50
CA ASN B 90 0.68 -7.13 24.59
C ASN B 90 0.65 -7.98 23.31
N PRO B 91 0.09 -7.47 22.19
CA PRO B 91 0.21 -8.18 20.91
C PRO B 91 1.70 -8.48 20.72
N GLU B 92 2.03 -9.76 20.63
CA GLU B 92 3.42 -10.20 20.71
C GLU B 92 4.08 -10.14 19.33
N THR B 93 4.89 -9.11 19.09
CA THR B 93 5.67 -9.00 17.87
C THR B 93 7.12 -9.37 18.14
N GLU B 94 7.43 -9.64 19.42
CA GLU B 94 8.75 -10.10 19.83
C GLU B 94 8.62 -11.49 20.44
N LEU B 95 9.77 -12.15 20.60
CA LEU B 95 9.82 -13.53 21.05
C LEU B 95 9.72 -13.63 22.56
N ASP B 96 8.93 -14.62 23.01
CA ASP B 96 8.91 -15.03 24.40
C ASP B 96 10.18 -15.83 24.70
N GLN B 97 11.16 -15.13 25.26
CA GLN B 97 12.49 -15.69 25.50
C GLN B 97 12.46 -16.86 26.49
N GLU B 98 11.51 -16.83 27.43
CA GLU B 98 11.38 -17.87 28.45
C GLU B 98 11.00 -19.20 27.81
N LEU B 99 9.96 -19.15 26.97
CA LEU B 99 9.49 -20.32 26.26
C LEU B 99 10.62 -20.86 25.36
N VAL B 100 11.35 -19.96 24.70
CA VAL B 100 12.38 -20.40 23.79
C VAL B 100 13.42 -21.23 24.54
N GLU B 101 13.83 -20.75 25.74
CA GLU B 101 14.83 -21.44 26.55
C GLU B 101 14.26 -22.76 27.06
N ASP B 102 13.01 -22.75 27.51
CA ASP B 102 12.31 -23.95 27.94
C ASP B 102 12.36 -24.99 26.83
N LEU B 103 12.01 -24.57 25.59
CA LEU B 103 11.96 -25.48 24.46
C LEU B 103 13.36 -25.95 24.06
N ARG B 104 14.33 -25.04 24.08
CA ARG B 104 15.73 -25.37 23.81
C ARG B 104 16.20 -26.46 24.77
N MET B 105 15.85 -26.32 26.05
CA MET B 105 16.15 -27.29 27.08
C MET B 105 15.37 -28.59 26.88
N MET B 106 14.60 -28.72 25.79
CA MET B 106 13.88 -29.94 25.47
C MET B 106 14.41 -30.55 24.17
N THR B 107 14.99 -29.72 23.29
CA THR B 107 15.38 -30.18 21.97
C THR B 107 16.89 -30.46 21.95
N TYR B 126 23.88 -25.32 19.59
CA TYR B 126 22.62 -25.92 19.07
C TYR B 126 22.80 -26.16 17.56
N SER B 127 22.56 -27.40 17.13
CA SER B 127 22.57 -27.76 15.71
C SER B 127 21.44 -27.03 14.97
N THR B 128 21.57 -26.92 13.65
CA THR B 128 20.54 -26.38 12.79
C THR B 128 19.23 -27.13 13.01
N GLN B 129 19.33 -28.45 13.19
CA GLN B 129 18.15 -29.27 13.47
C GLN B 129 17.48 -28.78 14.74
N SER B 130 18.24 -28.53 15.81
CA SER B 130 17.68 -28.17 17.10
C SER B 130 16.92 -26.84 17.07
N VAL B 131 17.46 -25.82 16.39
CA VAL B 131 16.78 -24.51 16.34
C VAL B 131 15.50 -24.62 15.49
N ALA B 132 15.51 -25.45 14.45
CA ALA B 132 14.32 -25.64 13.62
C ALA B 132 13.20 -26.28 14.46
N LEU B 133 13.57 -27.27 15.29
CA LEU B 133 12.60 -27.92 16.17
C LEU B 133 12.04 -26.92 17.18
N VAL B 134 12.91 -26.09 17.76
CA VAL B 134 12.46 -25.09 18.72
C VAL B 134 11.45 -24.18 18.03
N GLY B 135 11.76 -23.79 16.78
CA GLY B 135 10.88 -22.90 16.03
C GLY B 135 9.51 -23.51 15.80
N PHE B 136 9.50 -24.78 15.38
CA PHE B 136 8.26 -25.53 15.23
C PHE B 136 7.44 -25.55 16.53
N LEU B 137 8.06 -26.01 17.63
CA LEU B 137 7.37 -26.17 18.90
C LEU B 137 6.89 -24.80 19.39
N TYR B 138 7.68 -23.75 19.15
CA TYR B 138 7.33 -22.42 19.61
C TYR B 138 5.97 -21.99 19.04
N ILE B 139 5.81 -22.05 17.71
CA ILE B 139 4.56 -21.59 17.14
C ILE B 139 3.45 -22.60 17.42
N LEU B 140 3.76 -23.89 17.44
CA LEU B 140 2.76 -24.89 17.81
C LEU B 140 2.14 -24.53 19.16
N VAL B 141 3.00 -24.40 20.17
CA VAL B 141 2.55 -24.14 21.53
C VAL B 141 1.81 -22.80 21.58
N LYS B 142 2.35 -21.79 20.89
CA LYS B 142 1.77 -20.45 20.96
C LYS B 142 0.42 -20.42 20.26
N LEU B 143 0.32 -21.11 19.11
CA LEU B 143 -0.92 -21.10 18.36
C LEU B 143 -2.03 -21.90 19.07
N CYS B 144 -1.65 -22.96 19.79
CA CYS B 144 -2.61 -23.71 20.60
C CYS B 144 -3.14 -22.81 21.72
N LYS B 145 -2.22 -22.12 22.42
CA LYS B 145 -2.60 -21.21 23.47
C LYS B 145 -3.56 -20.13 22.94
N PHE B 146 -3.20 -19.51 21.81
CA PHE B 146 -3.99 -18.46 21.18
C PHE B 146 -5.40 -18.95 20.84
N SER B 147 -5.51 -20.22 20.42
CA SER B 147 -6.77 -20.76 19.94
C SER B 147 -7.59 -21.39 21.06
N GLY B 148 -7.03 -21.41 22.28
CA GLY B 148 -7.72 -21.96 23.44
C GLY B 148 -7.74 -23.49 23.48
N LYS B 149 -6.77 -24.12 22.81
CA LYS B 149 -6.54 -25.55 22.98
C LYS B 149 -5.53 -25.75 24.11
N GLN B 150 -5.91 -26.53 25.11
CA GLN B 150 -5.00 -26.87 26.19
C GLN B 150 -4.11 -28.04 25.76
N ARG B 151 -4.57 -28.78 24.75
CA ARG B 151 -3.88 -29.97 24.27
C ARG B 151 -3.71 -29.84 22.76
N PRO B 152 -2.51 -30.15 22.20
CA PRO B 152 -2.33 -30.10 20.76
C PRO B 152 -3.03 -31.29 20.13
N PRO B 153 -3.49 -31.20 18.86
CA PRO B 153 -4.07 -32.36 18.17
C PRO B 153 -2.97 -33.33 17.75
N SER B 154 -3.33 -34.61 17.64
CA SER B 154 -2.45 -35.67 17.13
C SER B 154 -2.25 -35.52 15.62
N ILE B 155 -1.01 -35.20 15.22
CA ILE B 155 -0.69 -34.91 13.82
C ILE B 155 0.71 -35.43 13.46
N GLN B 156 0.92 -35.62 12.16
CA GLN B 156 2.24 -35.83 11.60
C GLN B 156 2.49 -34.78 10.51
N ILE B 157 3.74 -34.30 10.43
CA ILE B 157 4.17 -33.30 9.47
C ILE B 157 5.35 -33.87 8.71
N SER B 158 5.27 -33.87 7.37
CA SER B 158 6.35 -34.33 6.53
C SER B 158 6.71 -33.26 5.50
N ILE B 159 8.00 -32.92 5.41
CA ILE B 159 8.46 -31.81 4.59
C ILE B 159 9.57 -32.27 3.66
N SER B 160 9.55 -31.68 2.45
CA SER B 160 10.60 -31.83 1.45
C SER B 160 10.73 -30.50 0.69
N SER B 161 11.80 -30.32 -0.08
CA SER B 161 12.10 -29.02 -0.67
C SER B 161 12.94 -29.15 -1.93
N ASP B 162 12.68 -28.23 -2.90
CA ASP B 162 13.58 -27.98 -4.02
C ASP B 162 14.73 -27.04 -3.66
N ILE B 163 14.66 -26.39 -2.48
CA ILE B 163 15.60 -25.37 -2.08
C ILE B 163 16.69 -26.02 -1.22
N ALA B 164 17.93 -25.95 -1.68
CA ALA B 164 19.05 -26.52 -0.96
C ALA B 164 19.36 -25.59 0.21
N ILE B 165 19.75 -26.19 1.35
CA ILE B 165 20.00 -25.46 2.59
C ILE B 165 21.20 -24.52 2.41
N SER B 166 22.19 -24.97 1.64
CA SER B 166 23.47 -24.29 1.51
C SER B 166 23.47 -23.18 0.47
N ALA B 167 22.40 -23.10 -0.35
CA ALA B 167 22.33 -22.17 -1.46
C ALA B 167 21.92 -20.76 -1.02
N GLY B 168 21.33 -20.61 0.17
CA GLY B 168 20.87 -19.28 0.59
C GLY B 168 19.79 -18.71 -0.35
N LEU B 169 18.81 -19.56 -0.70
CA LEU B 169 17.68 -19.17 -1.53
C LEU B 169 16.37 -19.26 -0.74
N GLY B 170 16.40 -19.14 0.58
CA GLY B 170 15.19 -18.98 1.38
C GLY B 170 14.70 -20.28 2.03
N SER B 171 15.57 -21.27 2.13
CA SER B 171 15.28 -22.55 2.75
C SER B 171 14.57 -22.40 4.09
N SER B 172 15.18 -21.67 5.02
CA SER B 172 14.62 -21.62 6.36
C SER B 172 13.29 -20.85 6.36
N ALA B 173 13.19 -19.78 5.57
CA ALA B 173 11.98 -18.99 5.54
C ALA B 173 10.81 -19.79 4.96
N ALA B 174 11.04 -20.53 3.87
CA ALA B 174 9.98 -21.31 3.24
C ALA B 174 9.46 -22.38 4.20
N PHE B 175 10.38 -23.00 4.94
CA PHE B 175 10.05 -23.94 6.00
C PHE B 175 9.16 -23.28 7.06
N ALA B 176 9.56 -22.08 7.51
CA ALA B 176 8.79 -21.33 8.49
C ALA B 176 7.37 -21.04 7.97
N VAL B 177 7.27 -20.67 6.68
CA VAL B 177 5.99 -20.27 6.12
C VAL B 177 5.07 -21.49 6.00
N CYS B 178 5.62 -22.65 5.58
CA CYS B 178 4.88 -23.88 5.47
C CYS B 178 4.32 -24.27 6.84
N LEU B 179 5.16 -24.21 7.90
CA LEU B 179 4.72 -24.52 9.25
C LEU B 179 3.62 -23.57 9.69
N SER B 180 3.84 -22.27 9.51
CA SER B 180 2.87 -21.26 9.92
C SER B 180 1.51 -21.48 9.26
N ALA B 181 1.48 -21.63 7.93
CA ALA B 181 0.21 -21.75 7.22
C ALA B 181 -0.50 -23.06 7.58
N SER B 182 0.28 -24.16 7.66
CA SER B 182 -0.27 -25.47 7.93
C SER B 182 -0.89 -25.49 9.34
N LEU B 183 -0.17 -24.95 10.35
CA LEU B 183 -0.70 -24.96 11.71
C LEU B 183 -1.87 -23.99 11.88
N LEU B 184 -1.80 -22.80 11.28
CA LEU B 184 -2.88 -21.82 11.42
C LEU B 184 -4.20 -22.39 10.90
N SER B 185 -4.12 -23.09 9.76
CA SER B 185 -5.28 -23.67 9.10
C SER B 185 -5.78 -24.88 9.90
N TYR B 186 -4.88 -25.80 10.22
CA TYR B 186 -5.27 -27.03 10.88
C TYR B 186 -5.94 -26.74 12.21
N LEU B 187 -5.49 -25.71 12.96
CA LEU B 187 -6.05 -25.40 14.26
C LEU B 187 -7.25 -24.48 14.12
N GLY B 188 -7.63 -24.13 12.88
CA GLY B 188 -8.85 -23.37 12.65
C GLY B 188 -8.72 -21.86 12.90
N ILE B 189 -7.49 -21.36 12.99
CA ILE B 189 -7.27 -19.93 13.26
C ILE B 189 -7.51 -19.14 11.97
N ILE B 190 -7.17 -19.74 10.83
CA ILE B 190 -7.60 -19.24 9.54
C ILE B 190 -8.46 -20.30 8.86
N VAL B 191 -9.42 -19.83 8.05
CA VAL B 191 -10.31 -20.68 7.28
C VAL B 191 -10.04 -20.41 5.81
N CYS B 192 -9.30 -21.30 5.13
N CYS B 192 -9.36 -21.35 5.19
CA CYS B 192 -8.93 -21.08 3.74
CA CYS B 192 -8.93 -21.15 3.82
C CYS B 192 -9.67 -22.10 2.86
C CYS B 192 -9.69 -22.12 2.92
N ASP B 193 -10.78 -21.63 2.30
CA ASP B 193 -11.64 -22.42 1.41
C ASP B 193 -12.01 -21.53 0.22
N ARG B 194 -12.96 -21.98 -0.63
CA ARG B 194 -13.27 -21.28 -1.86
C ARG B 194 -14.12 -20.04 -1.59
N LYS B 195 -14.61 -19.87 -0.36
CA LYS B 195 -15.33 -18.66 0.02
C LYS B 195 -14.38 -17.57 0.52
N ASN B 196 -13.24 -17.98 1.11
CA ASN B 196 -12.31 -17.03 1.69
C ASN B 196 -11.05 -16.87 0.85
N CYS B 197 -10.83 -17.72 -0.16
CA CYS B 197 -9.56 -17.75 -0.88
C CYS B 197 -9.78 -17.90 -2.37
N ALA B 198 -8.84 -17.34 -3.15
CA ALA B 198 -8.84 -17.40 -4.60
C ALA B 198 -8.22 -18.71 -5.09
N ASP B 199 -8.56 -19.10 -6.33
CA ASP B 199 -8.01 -20.29 -6.96
C ASP B 199 -6.87 -19.93 -7.92
N VAL B 200 -6.10 -20.95 -8.30
CA VAL B 200 -4.98 -20.82 -9.22
C VAL B 200 -4.51 -22.22 -9.54
N ASP B 201 -4.90 -22.72 -10.72
CA ASP B 201 -4.62 -24.09 -11.14
C ASP B 201 -4.95 -25.08 -10.01
N GLY B 202 -6.13 -24.91 -9.39
CA GLY B 202 -6.62 -25.82 -8.37
C GLY B 202 -6.07 -25.52 -6.96
N LYS B 203 -5.10 -24.60 -6.86
CA LYS B 203 -4.49 -24.25 -5.58
C LYS B 203 -5.23 -23.06 -4.98
N LEU B 204 -5.20 -22.96 -3.64
CA LEU B 204 -5.85 -21.85 -2.95
C LEU B 204 -4.79 -20.89 -2.43
N VAL B 205 -4.99 -19.60 -2.73
CA VAL B 205 -4.15 -18.51 -2.28
C VAL B 205 -4.81 -17.91 -1.05
N PRO B 206 -4.15 -17.86 0.13
CA PRO B 206 -4.73 -17.17 1.28
C PRO B 206 -5.02 -15.69 1.01
N SER B 207 -6.07 -15.17 1.67
CA SER B 207 -6.41 -13.76 1.59
C SER B 207 -5.31 -12.90 2.23
N ALA B 208 -5.34 -11.60 1.92
CA ALA B 208 -4.44 -10.60 2.46
C ALA B 208 -4.31 -10.71 3.99
N ASP B 209 -5.43 -10.78 4.70
CA ASP B 209 -5.41 -10.85 6.15
C ASP B 209 -4.74 -12.15 6.61
N GLN B 210 -5.02 -13.25 5.90
CA GLN B 210 -4.43 -14.53 6.22
C GLN B 210 -2.92 -14.50 5.98
N LEU B 211 -2.51 -13.85 4.88
CA LEU B 211 -1.09 -13.70 4.57
C LEU B 211 -0.34 -12.99 5.70
N ALA B 212 -0.95 -11.95 6.29
CA ALA B 212 -0.32 -11.20 7.36
C ALA B 212 -0.06 -12.09 8.58
N LEU B 213 -1.07 -12.91 8.92
CA LEU B 213 -0.99 -13.77 10.08
C LEU B 213 -0.01 -14.92 9.81
N ILE B 214 -0.04 -15.46 8.59
CA ILE B 214 0.92 -16.50 8.22
C ILE B 214 2.33 -15.93 8.33
N ASN B 215 2.51 -14.70 7.84
CA ASN B 215 3.84 -14.12 7.79
C ASN B 215 4.33 -13.84 9.20
N HIS B 216 3.45 -13.34 10.07
CA HIS B 216 3.85 -13.03 11.43
C HIS B 216 4.42 -14.26 12.14
N TRP B 217 3.74 -15.41 12.09
CA TRP B 217 4.20 -16.58 12.82
C TRP B 217 5.43 -17.20 12.16
N ALA B 218 5.52 -17.13 10.82
CA ALA B 218 6.75 -17.50 10.11
C ALA B 218 7.93 -16.64 10.58
N PHE B 219 7.68 -15.35 10.80
CA PHE B 219 8.72 -14.41 11.22
C PHE B 219 9.26 -14.83 12.58
N MET B 220 8.36 -15.27 13.48
CA MET B 220 8.78 -15.66 14.82
C MET B 220 9.74 -16.85 14.73
N VAL B 221 9.43 -17.80 13.86
CA VAL B 221 10.32 -18.94 13.63
C VAL B 221 11.68 -18.43 13.12
N GLU B 222 11.68 -17.47 12.19
CA GLU B 222 12.92 -16.97 11.61
C GLU B 222 13.74 -16.22 12.65
N LYS B 223 13.07 -15.50 13.57
CA LYS B 223 13.74 -14.80 14.65
C LYS B 223 14.49 -15.78 15.58
N ILE B 224 13.94 -16.99 15.75
CA ILE B 224 14.58 -18.03 16.55
C ILE B 224 15.86 -18.51 15.85
N VAL B 225 15.88 -18.53 14.51
CA VAL B 225 17.09 -18.87 13.78
C VAL B 225 18.09 -17.73 13.87
N HIS B 226 17.65 -16.48 13.61
CA HIS B 226 18.52 -15.30 13.69
C HIS B 226 17.73 -14.14 14.30
N GLY B 227 18.11 -13.75 15.52
CA GLY B 227 17.40 -12.75 16.30
C GLY B 227 17.21 -11.43 15.56
N SER B 228 18.20 -11.04 14.73
CA SER B 228 18.12 -9.78 14.02
C SER B 228 17.58 -9.92 12.59
N ALA B 229 17.00 -11.08 12.24
CA ALA B 229 16.39 -11.29 10.94
C ALA B 229 15.46 -10.12 10.63
N SER B 230 15.52 -9.64 9.39
CA SER B 230 14.74 -8.48 8.97
C SER B 230 13.27 -8.85 8.74
N GLY B 231 13.04 -10.13 8.39
CA GLY B 231 11.72 -10.58 7.99
C GLY B 231 11.48 -10.51 6.48
N VAL B 232 12.45 -10.03 5.71
CA VAL B 232 12.26 -9.90 4.26
C VAL B 232 12.03 -11.28 3.64
N ASP B 233 12.73 -12.30 4.12
CA ASP B 233 12.72 -13.63 3.53
C ASP B 233 11.37 -14.30 3.72
N ASN B 234 10.86 -14.31 4.98
CA ASN B 234 9.56 -14.89 5.25
C ASN B 234 8.48 -14.10 4.53
N ALA B 235 8.65 -12.77 4.44
CA ALA B 235 7.67 -11.93 3.79
C ALA B 235 7.57 -12.24 2.29
N VAL B 236 8.70 -12.31 1.59
CA VAL B 236 8.60 -12.61 0.16
C VAL B 236 8.11 -14.04 -0.10
N SER B 237 8.45 -15.01 0.79
CA SER B 237 8.00 -16.39 0.66
C SER B 237 6.49 -16.49 0.86
N THR B 238 5.95 -15.80 1.88
CA THR B 238 4.52 -15.75 2.13
C THR B 238 3.76 -15.09 0.97
N TYR B 239 4.19 -13.89 0.56
CA TYR B 239 3.36 -13.06 -0.30
C TYR B 239 3.65 -13.33 -1.77
N GLY B 240 4.85 -13.80 -2.12
CA GLY B 240 5.14 -14.11 -3.51
C GLY B 240 5.30 -12.86 -4.39
N GLY B 241 5.73 -13.07 -5.64
CA GLY B 241 5.85 -11.97 -6.58
C GLY B 241 7.12 -11.16 -6.31
N SER B 242 7.01 -9.84 -6.45
CA SER B 242 8.08 -8.88 -6.24
C SER B 242 7.64 -7.89 -5.19
N ILE B 243 8.47 -7.68 -4.16
CA ILE B 243 8.11 -6.81 -3.05
C ILE B 243 9.22 -5.82 -2.74
N LYS B 244 8.77 -4.63 -2.31
CA LYS B 244 9.56 -3.62 -1.65
C LYS B 244 9.27 -3.74 -0.16
N TYR B 245 10.32 -3.87 0.65
CA TYR B 245 10.18 -4.27 2.04
C TYR B 245 11.04 -3.36 2.91
N ARG B 246 10.46 -2.95 4.06
CA ARG B 246 11.17 -2.14 5.03
C ARG B 246 10.45 -2.19 6.38
N ASN B 247 11.19 -2.44 7.47
CA ASN B 247 10.66 -2.49 8.83
C ASN B 247 9.38 -3.33 8.92
N ASN B 248 9.41 -4.57 8.39
CA ASN B 248 8.30 -5.50 8.44
C ASN B 248 7.03 -4.92 7.81
N GLU B 249 7.19 -4.09 6.77
CA GLU B 249 6.08 -3.66 5.96
C GLU B 249 6.47 -3.83 4.50
N LEU B 250 5.48 -4.17 3.67
CA LEU B 250 5.80 -4.43 2.27
C LEU B 250 4.80 -3.77 1.34
N THR B 251 5.30 -3.47 0.14
CA THR B 251 4.52 -3.08 -1.01
C THR B 251 4.83 -4.06 -2.13
N ARG B 252 3.78 -4.52 -2.84
CA ARG B 252 3.93 -5.33 -4.03
C ARG B 252 4.40 -4.46 -5.18
N ILE B 253 5.25 -5.01 -6.06
CA ILE B 253 5.70 -4.31 -7.25
C ILE B 253 5.76 -5.24 -8.47
N GLY B 254 5.20 -6.45 -8.38
CA GLY B 254 5.38 -7.44 -9.43
C GLY B 254 4.66 -7.08 -10.74
N SER B 255 3.71 -6.13 -10.68
CA SER B 255 2.89 -5.77 -11.83
C SER B 255 3.64 -4.87 -12.81
N GLY B 256 4.94 -4.64 -12.60
CA GLY B 256 5.73 -3.73 -13.41
C GLY B 256 6.73 -4.49 -14.28
N LEU B 257 8.00 -4.07 -14.25
CA LEU B 257 8.99 -4.62 -15.17
C LEU B 257 9.18 -6.11 -14.91
N LYS B 258 9.43 -6.85 -15.98
CA LYS B 258 9.66 -8.28 -15.90
C LYS B 258 11.14 -8.56 -16.15
N LEU B 259 11.84 -8.95 -15.08
CA LEU B 259 13.28 -9.21 -15.15
C LEU B 259 13.53 -10.65 -15.60
N ASP B 260 14.74 -10.88 -16.10
CA ASP B 260 15.26 -12.22 -16.35
C ASP B 260 16.51 -12.37 -15.51
N VAL B 261 16.58 -13.45 -14.71
CA VAL B 261 17.65 -13.60 -13.76
C VAL B 261 18.21 -15.01 -13.81
N LEU B 262 19.53 -15.12 -13.81
CA LEU B 262 20.20 -16.40 -13.68
C LEU B 262 20.81 -16.50 -12.29
N ILE B 263 20.50 -17.59 -11.59
CA ILE B 263 21.10 -17.89 -10.31
C ILE B 263 22.34 -18.74 -10.55
N VAL B 264 23.43 -18.44 -9.81
CA VAL B 264 24.67 -19.18 -9.92
C VAL B 264 25.15 -19.49 -8.51
N ASP B 265 25.20 -20.79 -8.20
CA ASP B 265 25.54 -21.27 -6.87
C ASP B 265 27.05 -21.55 -6.83
N THR B 266 27.71 -21.00 -5.81
CA THR B 266 29.13 -21.19 -5.59
C THR B 266 29.44 -22.57 -5.02
N HIS B 267 28.42 -23.26 -4.48
CA HIS B 267 28.57 -24.48 -3.71
C HIS B 267 29.26 -24.19 -2.37
N VAL B 268 29.46 -22.92 -2.02
CA VAL B 268 30.07 -22.66 -0.72
C VAL B 268 28.96 -22.43 0.29
N GLN B 269 29.06 -23.16 1.40
CA GLN B 269 28.09 -23.07 2.47
C GLN B 269 28.64 -22.09 3.48
N ARG B 270 27.75 -21.27 4.05
CA ARG B 270 28.19 -20.21 4.94
C ARG B 270 27.08 -19.88 5.92
N ASP B 271 27.44 -19.81 7.20
CA ASP B 271 26.49 -19.45 8.24
C ASP B 271 26.10 -17.98 8.08
N THR B 272 24.80 -17.74 8.04
CA THR B 272 24.25 -16.39 8.01
C THR B 272 24.72 -15.60 9.23
N LYS B 273 24.87 -16.26 10.37
CA LYS B 273 25.20 -15.59 11.61
C LYS B 273 26.55 -14.88 11.47
N LYS B 274 27.54 -15.59 10.91
CA LYS B 274 28.87 -15.02 10.73
C LYS B 274 28.77 -13.75 9.88
N MET B 275 27.96 -13.80 8.80
CA MET B 275 27.90 -12.70 7.87
C MET B 275 27.29 -11.50 8.57
N LEU B 276 26.20 -11.71 9.31
CA LEU B 276 25.59 -10.62 10.07
C LEU B 276 26.59 -10.02 11.05
N ASP B 277 27.42 -10.87 11.67
CA ASP B 277 28.37 -10.41 12.66
C ASP B 277 29.43 -9.52 12.03
N ILE B 278 29.86 -9.90 10.81
CA ILE B 278 30.85 -9.11 10.09
C ILE B 278 30.33 -7.70 9.93
N VAL B 279 29.07 -7.54 9.51
CA VAL B 279 28.55 -6.22 9.23
C VAL B 279 28.35 -5.46 10.54
N ARG B 280 27.89 -6.15 11.59
CA ARG B 280 27.66 -5.48 12.87
C ARG B 280 28.97 -4.95 13.41
N HIS B 281 30.04 -5.73 13.23
CA HIS B 281 31.37 -5.34 13.64
C HIS B 281 31.91 -4.18 12.81
N ARG B 282 31.77 -4.24 11.47
CA ARG B 282 32.33 -3.19 10.63
C ARG B 282 31.64 -1.87 10.95
N ARG B 283 30.39 -1.97 11.40
CA ARG B 283 29.61 -0.80 11.73
C ARG B 283 30.13 -0.15 13.01
N LYS B 284 30.58 -0.96 13.98
CA LYS B 284 31.21 -0.43 15.18
C LYS B 284 32.60 0.11 14.87
N LEU B 285 33.35 -0.58 14.01
CA LEU B 285 34.74 -0.27 13.72
C LEU B 285 34.84 0.96 12.83
N TYR B 286 33.98 1.07 11.80
CA TYR B 286 34.05 2.16 10.85
C TYR B 286 32.69 2.79 10.66
N PRO B 287 32.13 3.47 11.68
CA PRO B 287 30.84 4.11 11.54
C PRO B 287 30.73 5.01 10.31
N ALA B 288 31.74 5.85 10.10
CA ALA B 288 31.68 6.86 9.06
C ALA B 288 32.01 6.27 7.69
N ILE B 289 32.32 4.98 7.58
CA ILE B 289 32.39 4.31 6.28
C ILE B 289 31.16 3.41 6.10
N THR B 290 30.96 2.48 7.05
CA THR B 290 29.96 1.44 6.95
C THR B 290 28.56 2.04 6.87
N ASN B 291 28.25 3.04 7.72
CA ASN B 291 26.90 3.59 7.76
C ASN B 291 26.54 4.30 6.46
N PRO B 292 27.36 5.20 5.88
CA PRO B 292 27.04 5.74 4.56
C PRO B 292 26.89 4.67 3.49
N VAL B 293 27.68 3.59 3.56
CA VAL B 293 27.49 2.50 2.61
C VAL B 293 26.07 1.91 2.74
N LEU B 294 25.60 1.70 3.98
CA LEU B 294 24.28 1.11 4.18
C LEU B 294 23.20 2.03 3.60
N GLU B 295 23.41 3.35 3.75
CA GLU B 295 22.48 4.35 3.24
C GLU B 295 22.50 4.37 1.71
N ALA B 296 23.65 4.14 1.09
CA ALA B 296 23.75 4.06 -0.36
C ALA B 296 22.96 2.85 -0.87
N ILE B 297 23.05 1.74 -0.14
CA ILE B 297 22.29 0.54 -0.48
C ILE B 297 20.79 0.82 -0.38
N ASP B 298 20.38 1.52 0.67
CA ASP B 298 19.00 1.96 0.83
C ASP B 298 18.56 2.73 -0.41
N GLY B 299 19.41 3.66 -0.88
CA GLY B 299 19.10 4.47 -2.05
C GLY B 299 18.99 3.62 -3.32
N ILE B 300 19.83 2.57 -3.43
CA ILE B 300 19.76 1.66 -4.57
C ILE B 300 18.40 0.96 -4.57
N SER B 301 17.97 0.48 -3.40
CA SER B 301 16.69 -0.22 -3.25
C SER B 301 15.53 0.70 -3.64
N GLU B 302 15.57 1.95 -3.18
CA GLU B 302 14.51 2.92 -3.51
C GLU B 302 14.46 3.13 -5.01
N THR B 303 15.60 3.40 -5.61
CA THR B 303 15.64 3.69 -7.04
C THR B 303 15.13 2.49 -7.83
N SER B 304 15.60 1.29 -7.46
CA SER B 304 15.18 0.06 -8.11
C SER B 304 13.66 -0.08 -8.03
N SER B 305 13.11 0.08 -6.83
CA SER B 305 11.70 -0.14 -6.59
C SER B 305 10.88 0.80 -7.47
N LYS B 306 11.37 2.01 -7.74
CA LYS B 306 10.64 2.95 -8.58
C LYS B 306 10.73 2.56 -10.05
N ILE B 307 11.91 2.13 -10.51
CA ILE B 307 12.08 1.69 -11.89
C ILE B 307 11.17 0.49 -12.17
N LEU B 308 11.18 -0.52 -11.28
CA LEU B 308 10.38 -1.72 -11.45
C LEU B 308 8.88 -1.40 -11.43
N GLN B 309 8.46 -0.50 -10.54
N GLN B 309 8.46 -0.48 -10.55
CA GLN B 309 7.06 -0.21 -10.30
CA GLN B 309 7.05 -0.22 -10.32
C GLN B 309 6.44 0.49 -11.52
C GLN B 309 6.42 0.52 -11.50
N HIS B 310 7.15 1.47 -12.09
CA HIS B 310 6.58 2.38 -13.09
C HIS B 310 6.76 1.86 -14.51
N GLY B 311 7.61 0.86 -14.69
CA GLY B 311 7.72 0.23 -15.99
C GLY B 311 6.64 -0.85 -16.16
N ASP B 312 6.48 -1.27 -17.41
CA ASP B 312 5.54 -2.31 -17.75
C ASP B 312 6.13 -3.12 -18.91
N GLY B 313 5.98 -4.43 -18.81
CA GLY B 313 6.61 -5.36 -19.74
C GLY B 313 8.08 -5.56 -19.42
N LEU B 314 8.82 -6.01 -20.44
CA LEU B 314 10.26 -6.04 -20.42
C LEU B 314 10.82 -4.64 -20.17
N PRO B 315 11.98 -4.51 -19.48
CA PRO B 315 12.72 -3.25 -19.46
C PRO B 315 13.14 -2.85 -20.87
N THR B 316 12.98 -1.56 -21.20
CA THR B 316 13.68 -0.94 -22.33
C THR B 316 15.20 -1.03 -22.13
N GLY B 317 15.95 -0.73 -23.19
CA GLY B 317 17.40 -0.60 -23.13
C GLY B 317 17.84 0.34 -22.02
N GLU B 318 17.17 1.49 -21.91
CA GLU B 318 17.50 2.52 -20.92
C GLU B 318 17.31 1.97 -19.51
N GLU B 319 16.13 1.39 -19.26
CA GLU B 319 15.79 0.85 -17.95
C GLU B 319 16.73 -0.29 -17.58
N TYR B 320 17.08 -1.16 -18.53
CA TYR B 320 17.96 -2.29 -18.24
C TYR B 320 19.33 -1.76 -17.80
N GLU B 321 19.82 -0.71 -18.47
CA GLU B 321 21.14 -0.17 -18.14
C GLU B 321 21.15 0.42 -16.72
N VAL B 322 20.07 1.08 -16.31
CA VAL B 322 19.93 1.54 -14.94
C VAL B 322 19.95 0.34 -13.99
N ILE B 323 19.13 -0.67 -14.29
CA ILE B 323 19.00 -1.86 -13.47
C ILE B 323 20.37 -2.55 -13.33
N ALA B 324 21.11 -2.69 -14.44
CA ALA B 324 22.41 -3.33 -14.42
C ALA B 324 23.37 -2.54 -13.54
N ASP B 325 23.33 -1.21 -13.69
CA ASP B 325 24.11 -0.25 -12.93
C ASP B 325 23.84 -0.41 -11.43
N LEU B 326 22.56 -0.45 -11.06
CA LEU B 326 22.15 -0.61 -9.67
C LEU B 326 22.71 -1.91 -9.08
N VAL B 327 22.67 -2.99 -9.87
CA VAL B 327 23.16 -4.29 -9.42
C VAL B 327 24.67 -4.23 -9.16
N ARG B 328 25.44 -3.66 -10.10
CA ARG B 328 26.89 -3.59 -9.95
C ARG B 328 27.26 -2.71 -8.76
N MET B 329 26.58 -1.58 -8.64
CA MET B 329 26.83 -0.70 -7.51
C MET B 329 26.59 -1.46 -6.20
N ASN B 330 25.50 -2.23 -6.13
CA ASN B 330 25.14 -2.92 -4.90
C ASN B 330 26.19 -3.98 -4.56
N GLN B 331 26.68 -4.71 -5.57
CA GLN B 331 27.71 -5.72 -5.33
C GLN B 331 28.97 -5.05 -4.78
N ASN B 332 29.38 -3.93 -5.38
CA ASN B 332 30.53 -3.19 -4.89
C ASN B 332 30.37 -2.79 -3.42
N LEU B 333 29.16 -2.31 -3.06
CA LEU B 333 28.90 -1.85 -1.70
C LEU B 333 28.88 -3.04 -0.75
N LEU B 334 28.40 -4.19 -1.22
CA LEU B 334 28.34 -5.38 -0.39
C LEU B 334 29.75 -5.88 -0.13
N SER B 335 30.58 -5.84 -1.17
CA SER B 335 31.98 -6.20 -1.04
C SER B 335 32.70 -5.31 -0.01
N THR B 336 32.35 -4.02 0.00
CA THR B 336 32.84 -3.06 0.98
C THR B 336 32.50 -3.45 2.42
N LEU B 337 31.34 -4.08 2.63
CA LEU B 337 30.90 -4.52 3.94
C LEU B 337 31.60 -5.81 4.35
N GLY B 338 32.36 -6.43 3.44
CA GLY B 338 33.09 -7.65 3.71
C GLY B 338 32.21 -8.89 3.70
N VAL B 339 31.10 -8.89 2.95
CA VAL B 339 30.22 -10.04 2.92
C VAL B 339 30.30 -10.80 1.59
N SER B 340 31.31 -10.51 0.75
CA SER B 340 31.45 -11.25 -0.50
C SER B 340 32.35 -12.47 -0.30
N HIS B 341 32.84 -13.02 -1.41
CA HIS B 341 33.61 -14.25 -1.41
C HIS B 341 34.29 -14.32 -2.77
N PRO B 342 35.56 -14.78 -2.83
CA PRO B 342 36.26 -14.92 -4.11
C PRO B 342 35.40 -15.53 -5.23
N LYS B 343 34.60 -16.55 -4.90
CA LYS B 343 33.84 -17.24 -5.93
C LYS B 343 32.65 -16.39 -6.37
N LEU B 344 32.06 -15.62 -5.43
CA LEU B 344 31.03 -14.65 -5.79
C LEU B 344 31.64 -13.60 -6.71
N ASP B 345 32.85 -13.15 -6.37
CA ASP B 345 33.54 -12.14 -7.16
C ASP B 345 33.75 -12.66 -8.59
N VAL B 346 34.30 -13.89 -8.73
CA VAL B 346 34.53 -14.47 -10.05
C VAL B 346 33.22 -14.48 -10.84
N ILE B 347 32.11 -14.87 -10.20
CA ILE B 347 30.84 -14.96 -10.91
C ILE B 347 30.44 -13.58 -11.47
N CYS B 348 30.54 -12.54 -10.63
CA CYS B 348 30.11 -11.20 -11.01
C CYS B 348 31.03 -10.62 -12.09
N GLU B 349 32.34 -10.89 -11.98
CA GLU B 349 33.36 -10.47 -12.93
C GLU B 349 33.04 -11.08 -14.30
N THR B 350 32.78 -12.40 -14.32
CA THR B 350 32.32 -13.09 -15.51
C THR B 350 31.03 -12.47 -16.04
N ALA B 351 30.05 -12.18 -15.16
CA ALA B 351 28.80 -11.57 -15.62
C ALA B 351 29.10 -10.30 -16.43
N SER B 352 30.01 -9.49 -15.90
CA SER B 352 30.37 -8.21 -16.52
C SER B 352 31.05 -8.42 -17.87
N ARG B 353 31.96 -9.38 -17.97
CA ARG B 353 32.61 -9.65 -19.24
C ARG B 353 31.61 -10.06 -20.31
N PHE B 354 30.47 -10.63 -19.92
CA PHE B 354 29.46 -11.07 -20.88
C PHE B 354 28.43 -9.98 -21.09
N GLY B 355 28.66 -8.80 -20.51
CA GLY B 355 27.78 -7.66 -20.71
C GLY B 355 26.58 -7.64 -19.76
N GLN B 356 26.57 -8.52 -18.75
CA GLN B 356 25.42 -8.64 -17.84
C GLN B 356 25.81 -8.01 -16.50
N ALA B 357 24.98 -8.14 -15.45
CA ALA B 357 25.29 -7.58 -14.15
C ALA B 357 25.04 -8.59 -13.04
N GLY B 358 26.05 -8.84 -12.22
CA GLY B 358 25.99 -9.83 -11.16
C GLY B 358 26.14 -9.22 -9.76
N LYS B 359 25.46 -9.84 -8.78
CA LYS B 359 25.71 -9.56 -7.37
C LYS B 359 25.39 -10.82 -6.56
N LEU B 360 25.99 -10.95 -5.36
CA LEU B 360 25.54 -11.93 -4.40
C LEU B 360 24.09 -11.60 -4.03
N THR B 361 23.35 -12.62 -3.57
CA THR B 361 22.02 -12.44 -3.03
C THR B 361 21.98 -13.09 -1.64
N GLY B 362 21.44 -12.36 -0.67
CA GLY B 362 21.29 -12.91 0.68
C GLY B 362 22.51 -12.63 1.54
N ALA B 363 22.94 -13.60 2.34
CA ALA B 363 23.88 -13.33 3.43
C ALA B 363 25.30 -13.12 2.90
N GLY B 364 25.60 -13.74 1.76
CA GLY B 364 26.92 -13.65 1.16
C GLY B 364 27.90 -14.62 1.80
N GLY B 365 29.20 -14.42 1.53
CA GLY B 365 30.23 -15.25 2.12
C GLY B 365 30.21 -16.66 1.54
N GLY B 366 29.57 -16.80 0.38
CA GLY B 366 29.23 -18.09 -0.19
C GLY B 366 27.85 -17.98 -0.83
N GLY B 367 27.16 -19.12 -0.96
CA GLY B 367 25.79 -19.12 -1.43
C GLY B 367 25.72 -18.83 -2.93
N CYS B 368 24.70 -18.08 -3.32
CA CYS B 368 24.44 -17.82 -4.71
C CYS B 368 24.66 -16.35 -5.05
N ALA B 369 25.01 -16.14 -6.32
CA ALA B 369 24.88 -14.84 -6.97
C ALA B 369 23.67 -14.88 -7.90
N ILE B 370 23.20 -13.69 -8.27
CA ILE B 370 22.20 -13.52 -9.31
C ILE B 370 22.81 -12.67 -10.42
N VAL B 371 22.45 -13.01 -11.67
CA VAL B 371 22.89 -12.32 -12.86
C VAL B 371 21.64 -11.83 -13.57
N VAL B 372 21.44 -10.51 -13.61
CA VAL B 372 20.28 -9.93 -14.25
C VAL B 372 20.61 -9.77 -15.73
N LEU B 373 19.76 -10.35 -16.60
CA LEU B 373 20.05 -10.50 -18.02
C LEU B 373 19.39 -9.40 -18.83
N ASP B 374 20.16 -8.89 -19.80
CA ASP B 374 19.69 -7.96 -20.81
C ASP B 374 18.38 -8.50 -21.38
N PRO B 375 17.29 -7.71 -21.44
CA PRO B 375 16.08 -8.16 -22.13
C PRO B 375 16.26 -8.57 -23.59
N ASP B 376 17.25 -8.00 -24.29
CA ASP B 376 17.57 -8.35 -25.67
C ASP B 376 18.05 -9.80 -25.80
N MET B 377 18.39 -10.45 -24.69
CA MET B 377 18.94 -11.79 -24.72
C MET B 377 17.82 -12.80 -24.98
N ARG B 378 16.57 -12.40 -24.72
CA ARG B 378 15.42 -13.15 -25.21
C ARG B 378 15.46 -13.28 -26.74
N GLN B 379 15.96 -12.25 -27.43
CA GLN B 379 16.13 -12.30 -28.88
C GLN B 379 17.35 -13.12 -29.28
N PHE B 380 18.37 -13.24 -28.40
CA PHE B 380 19.60 -13.91 -28.75
C PHE B 380 19.86 -15.03 -27.75
N GLU B 381 19.02 -16.06 -27.79
CA GLU B 381 18.99 -17.06 -26.74
C GLU B 381 20.28 -17.87 -26.67
N HIS B 382 21.02 -18.03 -27.79
CA HIS B 382 22.29 -18.75 -27.84
C HIS B 382 23.33 -18.15 -26.87
N LEU B 383 23.36 -16.81 -26.76
CA LEU B 383 24.29 -16.14 -25.87
C LEU B 383 23.99 -16.53 -24.42
N ARG B 384 22.70 -16.64 -24.07
CA ARG B 384 22.31 -17.08 -22.74
C ARG B 384 22.96 -18.44 -22.45
N GLU B 385 22.93 -19.35 -23.43
CA GLU B 385 23.42 -20.71 -23.23
C GLU B 385 24.94 -20.70 -23.03
N SER B 386 25.63 -19.80 -23.73
CA SER B 386 27.07 -19.68 -23.57
C SER B 386 27.44 -19.27 -22.15
N ILE B 387 26.76 -18.26 -21.59
CA ILE B 387 27.00 -17.81 -20.21
C ILE B 387 26.81 -18.98 -19.25
N ILE B 388 25.67 -19.68 -19.40
CA ILE B 388 25.35 -20.83 -18.55
C ILE B 388 26.48 -21.87 -18.63
N ALA B 389 26.89 -22.21 -19.86
CA ALA B 389 27.90 -23.23 -20.07
C ALA B 389 29.24 -22.82 -19.45
N GLU B 390 29.53 -21.52 -19.46
CA GLU B 390 30.74 -20.99 -18.85
C GLU B 390 30.72 -21.20 -17.34
N TYR B 391 29.59 -20.89 -16.70
CA TYR B 391 29.49 -21.07 -15.25
C TYR B 391 29.59 -22.56 -14.91
N ARG B 392 29.03 -23.41 -15.77
CA ARG B 392 29.21 -24.85 -15.60
C ARG B 392 30.69 -25.22 -15.71
N ARG B 393 31.40 -24.67 -16.71
CA ARG B 393 32.81 -24.99 -16.87
C ARG B 393 33.59 -24.57 -15.64
N MET B 394 33.16 -23.50 -14.96
CA MET B 394 33.83 -23.01 -13.75
C MET B 394 33.37 -23.76 -12.51
N GLU B 395 32.48 -24.76 -12.69
CA GLU B 395 32.07 -25.68 -11.63
C GLU B 395 31.15 -24.98 -10.64
N PHE B 396 30.37 -24.02 -11.15
CA PHE B 396 29.27 -23.43 -10.41
C PHE B 396 27.99 -24.01 -11.03
N LYS B 397 26.90 -24.00 -10.27
CA LYS B 397 25.66 -24.53 -10.79
C LYS B 397 24.79 -23.37 -11.26
N PRO B 398 24.56 -23.20 -12.58
CA PRO B 398 23.61 -22.19 -13.03
C PRO B 398 22.18 -22.71 -12.87
N HIS B 399 21.22 -21.80 -12.68
CA HIS B 399 19.81 -22.13 -12.62
C HIS B 399 19.03 -20.89 -13.01
N LEU B 400 18.27 -20.99 -14.10
CA LEU B 400 17.45 -19.88 -14.58
C LEU B 400 16.26 -19.71 -13.63
N ALA B 401 16.10 -18.52 -13.05
CA ALA B 401 15.05 -18.28 -12.07
C ALA B 401 13.69 -18.19 -12.77
N GLU B 402 12.67 -18.74 -12.12
CA GLU B 402 11.28 -18.52 -12.49
C GLU B 402 10.72 -17.44 -11.56
N LEU B 403 10.26 -16.33 -12.15
CA LEU B 403 9.85 -15.17 -11.36
C LEU B 403 8.37 -14.88 -11.60
N GLY B 404 7.76 -14.13 -10.67
CA GLY B 404 6.38 -13.68 -10.82
C GLY B 404 5.37 -14.70 -10.30
N GLY B 405 5.86 -15.82 -9.75
CA GLY B 405 4.99 -16.83 -9.21
C GLY B 405 4.38 -16.44 -7.87
N PRO B 406 3.46 -17.27 -7.36
CA PRO B 406 2.81 -16.99 -6.08
C PRO B 406 3.65 -17.32 -4.86
N GLY B 407 3.17 -16.78 -3.72
CA GLY B 407 3.69 -17.08 -2.41
C GLY B 407 3.17 -18.41 -1.90
N VAL B 408 2.86 -18.47 -0.60
CA VAL B 408 2.38 -19.68 0.04
C VAL B 408 1.05 -20.10 -0.59
N LEU B 409 0.89 -21.42 -0.79
CA LEU B 409 -0.32 -21.99 -1.38
C LEU B 409 -0.81 -23.18 -0.56
N PHE B 410 -2.13 -23.36 -0.55
CA PHE B 410 -2.78 -24.59 -0.13
C PHE B 410 -3.14 -25.41 -1.36
N HIS B 411 -2.94 -26.73 -1.24
CA HIS B 411 -3.17 -27.68 -2.32
C HIS B 411 -4.29 -28.63 -1.87
N PRO B 412 -5.57 -28.23 -1.98
CA PRO B 412 -6.67 -29.11 -1.58
C PRO B 412 -6.98 -30.15 -2.67
N VAL B 413 -6.46 -29.95 -3.88
CA VAL B 413 -6.81 -30.78 -5.03
C VAL B 413 -5.69 -31.78 -5.30
N PRO B 414 -5.93 -33.11 -5.18
CA PRO B 414 -4.97 -34.09 -5.66
C PRO B 414 -4.81 -34.00 -7.19
#